data_1U4Q
#
_entry.id   1U4Q
#
_cell.length_a   150.030
_cell.length_b   74.860
_cell.length_c   66.610
_cell.angle_alpha   90.00
_cell.angle_beta   97.70
_cell.angle_gamma   90.00
#
_symmetry.space_group_name_H-M   'C 1 2 1'
#
loop_
_entity.id
_entity.type
_entity.pdbx_description
1 polymer 'Spectrin alpha chain, brain'
2 water water
#
_entity_poly.entity_id   1
_entity_poly.type   'polypeptide(L)'
_entity_poly.pdbx_seq_one_letter_code
;MANKQQNFNTGIKDFDFWLSEVEALLASEDYGKDLASVNNLLKKHQLLEADISAHEDRLKDLNSQADSLMTSSAFDTSQV
KDKRETINGRFQRIKSMAAARRAKLNESHRLHQFFRDMDDEESWIKEKKLLVSSEDYGRDLTGVQNLRKKHKRLEAELAA
HEPAIQGVLDTGKKLSDDNTIGKEEIQQRLAQFVDHWKELKQLAAARGQRLEESLEYQQFVANVEEEEAWINEKMTLVAS
EDYGDTLAAIQGLLKKHEAFETDFTVHKDRVNDVCANGEDLIKKNNHHVENITAKMKGLKGKVSDLEKAAAQRKAKLDEN
SA
;
_entity_poly.pdbx_strand_id   A,B
#
# COMPACT_ATOMS: atom_id res chain seq x y z
N ALA A 2 -23.50 -18.49 74.77
CA ALA A 2 -24.09 -19.19 73.59
C ALA A 2 -25.48 -18.65 73.31
N ASN A 3 -25.75 -17.45 73.82
CA ASN A 3 -27.03 -16.81 73.59
C ASN A 3 -26.83 -15.40 73.04
N LYS A 4 -27.92 -14.65 72.91
CA LYS A 4 -27.88 -13.31 72.34
C LYS A 4 -26.71 -12.37 72.66
N GLN A 5 -26.61 -11.90 73.91
CA GLN A 5 -25.53 -10.99 74.27
C GLN A 5 -24.23 -11.40 73.61
N GLN A 6 -23.73 -12.58 73.97
CA GLN A 6 -22.50 -13.08 73.38
C GLN A 6 -22.66 -13.16 71.86
N ASN A 7 -23.77 -13.72 71.42
CA ASN A 7 -24.07 -13.89 70.00
C ASN A 7 -24.04 -12.63 69.17
N PHE A 8 -24.83 -11.63 69.55
CA PHE A 8 -24.87 -10.39 68.80
C PHE A 8 -23.48 -9.81 68.66
N ASN A 9 -22.78 -9.69 69.77
CA ASN A 9 -21.43 -9.14 69.76
C ASN A 9 -20.48 -9.97 68.89
N THR A 10 -20.56 -11.29 69.00
CA THR A 10 -19.72 -12.16 68.18
C THR A 10 -20.06 -11.92 66.72
N GLY A 11 -21.36 -11.88 66.43
CA GLY A 11 -21.82 -11.64 65.06
C GLY A 11 -21.35 -10.29 64.53
N ILE A 12 -21.48 -9.24 65.35
CA ILE A 12 -21.05 -7.91 64.96
C ILE A 12 -19.55 -7.87 64.63
N LYS A 13 -18.73 -8.54 65.43
CA LYS A 13 -17.31 -8.54 65.16
C LYS A 13 -17.00 -9.24 63.84
N ASP A 14 -17.71 -10.32 63.53
CA ASP A 14 -17.49 -11.03 62.28
C ASP A 14 -17.92 -10.18 61.08
N PHE A 15 -19.07 -9.51 61.19
CA PHE A 15 -19.57 -8.66 60.11
C PHE A 15 -18.63 -7.47 59.91
N ASP A 16 -18.11 -6.93 61.01
CA ASP A 16 -17.18 -5.81 60.98
C ASP A 16 -15.96 -6.19 60.15
N PHE A 17 -15.50 -7.40 60.37
CA PHE A 17 -14.34 -7.94 59.68
C PHE A 17 -14.55 -8.00 58.16
N TRP A 18 -15.71 -8.50 57.77
CA TRP A 18 -16.04 -8.62 56.35
C TRP A 18 -16.20 -7.22 55.75
N LEU A 19 -16.81 -6.30 56.50
CA LEU A 19 -16.99 -4.93 56.01
C LEU A 19 -15.67 -4.22 55.65
N SER A 20 -14.72 -4.22 56.58
CA SER A 20 -13.43 -3.58 56.35
C SER A 20 -12.79 -4.20 55.09
N GLU A 21 -12.88 -5.52 55.00
CA GLU A 21 -12.31 -6.24 53.88
C GLU A 21 -12.97 -5.83 52.55
N VAL A 22 -14.29 -5.73 52.52
CA VAL A 22 -14.93 -5.32 51.28
C VAL A 22 -14.55 -3.88 50.96
N GLU A 23 -14.49 -3.03 51.99
CA GLU A 23 -14.10 -1.64 51.82
C GLU A 23 -12.69 -1.57 51.24
N ALA A 24 -11.79 -2.40 51.75
CA ALA A 24 -10.42 -2.43 51.25
C ALA A 24 -10.42 -2.73 49.75
N LEU A 25 -11.23 -3.71 49.35
CA LEU A 25 -11.33 -4.11 47.94
C LEU A 25 -11.91 -2.98 47.10
N LEU A 26 -12.93 -2.31 47.63
CA LEU A 26 -13.57 -1.20 46.95
C LEU A 26 -12.64 0.01 46.95
N ALA A 27 -11.42 -0.17 47.45
CA ALA A 27 -10.45 0.91 47.47
C ALA A 27 -9.76 0.93 46.12
N SER A 28 -10.13 -0.03 45.27
CA SER A 28 -9.53 -0.15 43.96
C SER A 28 -9.74 1.07 43.09
N GLU A 29 -8.72 1.35 42.28
CA GLU A 29 -8.74 2.50 41.38
C GLU A 29 -8.32 2.00 39.99
N ASP A 30 -8.36 0.69 39.79
CA ASP A 30 -8.03 0.07 38.52
C ASP A 30 -9.32 -0.13 37.74
N TYR A 31 -9.37 0.39 36.51
CA TYR A 31 -10.58 0.22 35.71
C TYR A 31 -10.33 -0.37 34.33
N GLY A 32 -9.16 -0.96 34.12
CA GLY A 32 -8.85 -1.56 32.85
C GLY A 32 -7.98 -0.69 31.96
N LYS A 33 -7.32 -1.32 30.98
CA LYS A 33 -6.44 -0.61 30.05
C LYS A 33 -6.77 -1.05 28.64
N ASP A 34 -7.69 -2.00 28.55
CA ASP A 34 -8.11 -2.55 27.27
C ASP A 34 -9.30 -3.43 27.60
N LEU A 35 -9.87 -4.10 26.61
CA LEU A 35 -11.04 -4.94 26.87
C LEU A 35 -10.76 -6.14 27.75
N ALA A 36 -9.63 -6.78 27.50
CA ALA A 36 -9.23 -7.96 28.24
C ALA A 36 -9.37 -7.72 29.74
N SER A 37 -8.60 -6.77 30.26
CA SER A 37 -8.63 -6.49 31.69
C SER A 37 -9.99 -6.06 32.21
N VAL A 38 -10.62 -5.12 31.52
CA VAL A 38 -11.93 -4.64 31.94
C VAL A 38 -12.87 -5.82 32.18
N ASN A 39 -12.90 -6.77 31.24
CA ASN A 39 -13.74 -7.95 31.37
C ASN A 39 -13.38 -8.69 32.66
N ASN A 40 -12.08 -8.82 32.89
CA ASN A 40 -11.62 -9.49 34.09
C ASN A 40 -12.10 -8.71 35.29
N LEU A 41 -11.97 -7.38 35.25
CA LEU A 41 -12.40 -6.55 36.37
C LEU A 41 -13.91 -6.70 36.62
N LEU A 42 -14.70 -6.74 35.56
CA LEU A 42 -16.14 -6.90 35.71
C LEU A 42 -16.54 -8.25 36.28
N LYS A 43 -15.87 -9.30 35.82
N LYS A 43 -15.90 -9.32 35.83
CA LYS A 43 -16.15 -10.66 36.29
CA LYS A 43 -16.22 -10.65 36.34
C LYS A 43 -15.81 -10.70 37.78
C LYS A 43 -15.83 -10.69 37.80
N LYS A 44 -14.69 -10.09 38.12
CA LYS A 44 -14.22 -10.04 39.49
C LYS A 44 -15.19 -9.22 40.33
N HIS A 45 -15.73 -8.14 39.76
CA HIS A 45 -16.67 -7.29 40.50
C HIS A 45 -18.06 -7.91 40.68
N GLN A 46 -18.38 -8.86 39.83
CA GLN A 46 -19.68 -9.54 39.87
C GLN A 46 -19.68 -10.54 41.05
N LEU A 47 -18.51 -11.13 41.29
CA LEU A 47 -18.34 -12.08 42.38
C LEU A 47 -18.52 -11.34 43.71
N LEU A 48 -17.88 -10.18 43.83
CA LEU A 48 -17.97 -9.36 45.05
C LEU A 48 -19.40 -8.91 45.30
N GLU A 49 -20.07 -8.43 44.24
CA GLU A 49 -21.45 -7.99 44.36
C GLU A 49 -22.33 -9.12 44.85
N ALA A 50 -22.04 -10.32 44.34
CA ALA A 50 -22.81 -11.48 44.78
C ALA A 50 -22.55 -11.72 46.27
N ASP A 51 -21.29 -11.60 46.70
CA ASP A 51 -20.88 -11.83 48.10
C ASP A 51 -21.59 -10.86 49.02
N ILE A 52 -21.64 -9.58 48.61
CA ILE A 52 -22.34 -8.57 49.40
C ILE A 52 -23.86 -8.83 49.46
N SER A 53 -24.42 -9.34 48.37
CA SER A 53 -25.83 -9.65 48.29
C SER A 53 -26.17 -10.80 49.23
N ALA A 54 -25.30 -11.78 49.30
CA ALA A 54 -25.51 -12.96 50.15
C ALA A 54 -25.39 -12.57 51.63
N HIS A 55 -24.72 -11.45 51.88
CA HIS A 55 -24.51 -11.01 53.24
C HIS A 55 -25.70 -10.27 53.82
N GLU A 56 -26.74 -10.11 53.02
CA GLU A 56 -27.92 -9.40 53.49
C GLU A 56 -28.73 -10.18 54.52
N ASP A 57 -28.68 -11.51 54.46
CA ASP A 57 -29.40 -12.30 55.44
C ASP A 57 -28.77 -12.00 56.78
N ARG A 58 -27.46 -12.19 56.88
N ARG A 58 -27.45 -12.18 56.89
CA ARG A 58 -26.74 -11.91 58.11
CA ARG A 58 -26.78 -11.92 58.15
C ARG A 58 -27.07 -10.52 58.63
C ARG A 58 -27.11 -10.52 58.64
N LEU A 59 -27.23 -9.58 57.71
CA LEU A 59 -27.55 -8.22 58.08
C LEU A 59 -28.96 -8.10 58.63
N LYS A 60 -29.88 -8.87 58.05
CA LYS A 60 -31.25 -8.86 58.51
C LYS A 60 -31.27 -9.47 59.90
N ASP A 61 -30.63 -10.63 60.03
CA ASP A 61 -30.54 -11.36 61.30
C ASP A 61 -29.91 -10.48 62.38
N LEU A 62 -28.71 -9.95 62.12
CA LEU A 62 -28.06 -9.11 63.10
C LEU A 62 -28.95 -7.98 63.58
N ASN A 63 -29.83 -7.48 62.70
CA ASN A 63 -30.72 -6.40 63.12
C ASN A 63 -31.87 -6.95 63.94
N SER A 64 -32.22 -8.21 63.72
CA SER A 64 -33.29 -8.84 64.48
C SER A 64 -32.78 -8.96 65.90
N GLN A 65 -31.61 -9.57 66.05
CA GLN A 65 -30.97 -9.76 67.34
C GLN A 65 -30.90 -8.44 68.08
N ALA A 66 -30.51 -7.39 67.37
CA ALA A 66 -30.42 -6.06 67.95
C ALA A 66 -31.78 -5.67 68.54
N ASP A 67 -32.83 -5.77 67.73
CA ASP A 67 -34.18 -5.43 68.17
C ASP A 67 -34.56 -6.09 69.49
N SER A 68 -34.30 -7.39 69.60
CA SER A 68 -34.63 -8.11 70.82
C SER A 68 -33.73 -7.82 72.01
N LEU A 69 -32.55 -7.24 71.75
CA LEU A 69 -31.63 -6.91 72.83
C LEU A 69 -31.99 -5.56 73.44
N MET A 70 -32.62 -4.70 72.63
CA MET A 70 -33.03 -3.39 73.11
C MET A 70 -34.24 -3.53 74.01
N THR A 71 -34.81 -4.74 74.04
CA THR A 71 -35.99 -5.03 74.85
C THR A 71 -35.64 -5.59 76.23
N SER A 72 -34.41 -5.36 76.69
CA SER A 72 -34.00 -5.85 77.99
C SER A 72 -33.19 -4.80 78.74
N SER A 73 -33.56 -4.56 80.00
CA SER A 73 -32.88 -3.57 80.84
C SER A 73 -31.81 -4.21 81.72
N ALA A 74 -31.69 -5.54 81.65
CA ALA A 74 -30.70 -6.27 82.43
C ALA A 74 -29.32 -5.65 82.24
N PHE A 75 -29.17 -4.90 81.15
CA PHE A 75 -27.91 -4.22 80.82
C PHE A 75 -28.22 -2.90 80.10
N ASP A 76 -27.20 -2.21 79.61
CA ASP A 76 -27.43 -0.96 78.89
C ASP A 76 -27.40 -1.19 77.38
N THR A 77 -28.57 -0.98 76.78
CA THR A 77 -28.76 -1.17 75.36
C THR A 77 -27.91 -0.27 74.48
N SER A 78 -27.73 0.98 74.91
CA SER A 78 -26.96 1.98 74.16
C SER A 78 -25.76 1.41 73.40
N GLN A 79 -25.26 0.26 73.83
CA GLN A 79 -24.13 -0.38 73.19
C GLN A 79 -24.53 -0.98 71.86
N VAL A 80 -25.47 -1.93 71.88
CA VAL A 80 -25.92 -2.58 70.65
C VAL A 80 -26.52 -1.54 69.71
N LYS A 81 -27.02 -0.47 70.30
CA LYS A 81 -27.66 0.60 69.56
C LYS A 81 -26.79 1.11 68.42
N ASP A 82 -25.66 1.72 68.76
CA ASP A 82 -24.79 2.27 67.72
C ASP A 82 -24.09 1.20 66.88
N LYS A 83 -23.95 0.00 67.41
CA LYS A 83 -23.33 -1.08 66.65
C LYS A 83 -24.24 -1.36 65.45
N ARG A 84 -25.52 -1.57 65.73
CA ARG A 84 -26.50 -1.82 64.69
C ARG A 84 -26.49 -0.67 63.68
N GLU A 85 -26.35 0.54 64.19
CA GLU A 85 -26.38 1.72 63.34
C GLU A 85 -25.10 1.92 62.53
N THR A 86 -24.02 1.29 62.96
CA THR A 86 -22.76 1.41 62.25
C THR A 86 -22.70 0.44 61.07
N ILE A 87 -22.96 -0.84 61.34
CA ILE A 87 -22.91 -1.81 60.27
C ILE A 87 -23.92 -1.48 59.17
N ASN A 88 -25.09 -0.98 59.57
CA ASN A 88 -26.09 -0.60 58.57
C ASN A 88 -25.53 0.56 57.74
N GLY A 89 -24.88 1.50 58.42
CA GLY A 89 -24.29 2.61 57.70
C GLY A 89 -23.20 2.10 56.77
N ARG A 90 -22.23 1.39 57.34
CA ARG A 90 -21.14 0.84 56.56
C ARG A 90 -21.65 -0.03 55.41
N PHE A 91 -22.64 -0.88 55.68
CA PHE A 91 -23.14 -1.74 54.62
C PHE A 91 -23.61 -0.88 53.48
N GLN A 92 -24.43 0.11 53.81
CA GLN A 92 -24.98 1.02 52.82
C GLN A 92 -23.89 1.68 51.98
N ARG A 93 -22.76 1.96 52.60
CA ARG A 93 -21.67 2.61 51.87
C ARG A 93 -20.99 1.66 50.86
N ILE A 94 -20.86 0.37 51.18
CA ILE A 94 -20.22 -0.53 50.21
C ILE A 94 -21.16 -0.74 49.02
N LYS A 95 -22.46 -0.72 49.28
CA LYS A 95 -23.45 -0.87 48.22
C LYS A 95 -23.23 0.25 47.23
N SER A 96 -23.21 1.46 47.79
CA SER A 96 -23.03 2.68 47.03
C SER A 96 -21.73 2.65 46.24
N MET A 97 -20.64 2.32 46.92
CA MET A 97 -19.35 2.25 46.25
C MET A 97 -19.32 1.15 45.19
N ALA A 98 -19.86 -0.02 45.52
CA ALA A 98 -19.88 -1.12 44.54
C ALA A 98 -20.59 -0.60 43.29
N ALA A 99 -21.71 0.10 43.49
CA ALA A 99 -22.47 0.68 42.39
C ALA A 99 -21.59 1.65 41.61
N ALA A 100 -20.89 2.51 42.35
CA ALA A 100 -20.00 3.46 41.72
C ALA A 100 -18.91 2.75 40.92
N ARG A 101 -18.38 1.66 41.45
CA ARG A 101 -17.33 0.93 40.72
C ARG A 101 -17.87 0.23 39.49
N ARG A 102 -19.10 -0.28 39.57
N ARG A 102 -19.09 -0.29 39.57
CA ARG A 102 -19.71 -0.97 38.45
CA ARG A 102 -19.71 -0.97 38.44
C ARG A 102 -19.94 0.02 37.30
C ARG A 102 -19.91 0.02 37.29
N ALA A 103 -20.27 1.25 37.66
CA ALA A 103 -20.50 2.30 36.68
C ALA A 103 -19.25 2.65 35.91
N LYS A 104 -18.17 2.95 36.63
CA LYS A 104 -16.93 3.33 35.97
C LYS A 104 -16.37 2.17 35.14
N LEU A 105 -16.67 0.95 35.53
CA LEU A 105 -16.19 -0.20 34.76
C LEU A 105 -16.96 -0.34 33.47
N ASN A 106 -18.27 -0.10 33.49
CA ASN A 106 -19.04 -0.19 32.25
C ASN A 106 -18.58 0.94 31.33
N GLU A 107 -18.38 2.12 31.93
CA GLU A 107 -17.90 3.27 31.18
C GLU A 107 -16.62 2.83 30.45
N SER A 108 -15.65 2.35 31.21
CA SER A 108 -14.38 1.90 30.67
C SER A 108 -14.57 0.88 29.53
N HIS A 109 -15.54 -0.01 29.68
CA HIS A 109 -15.81 -1.01 28.66
C HIS A 109 -16.19 -0.41 27.30
N ARG A 110 -16.99 0.65 27.28
CA ARG A 110 -17.40 1.27 26.03
C ARG A 110 -16.20 2.04 25.46
N LEU A 111 -15.40 2.58 26.37
CA LEU A 111 -14.21 3.33 25.99
C LEU A 111 -13.29 2.43 25.16
N HIS A 112 -12.78 1.36 25.76
CA HIS A 112 -11.88 0.47 25.06
C HIS A 112 -12.55 -0.20 23.89
N GLN A 113 -13.86 -0.38 23.97
CA GLN A 113 -14.55 -0.96 22.83
C GLN A 113 -14.45 0.07 21.72
N PHE A 114 -14.65 1.34 22.08
CA PHE A 114 -14.58 2.44 21.13
C PHE A 114 -13.19 2.54 20.49
N PHE A 115 -12.15 2.32 21.28
CA PHE A 115 -10.80 2.38 20.74
C PHE A 115 -10.60 1.18 19.86
N ARG A 116 -11.34 0.12 20.12
CA ARG A 116 -11.22 -1.05 19.27
C ARG A 116 -11.54 -0.55 17.87
N ASP A 117 -12.68 0.13 17.74
CA ASP A 117 -13.14 0.66 16.46
C ASP A 117 -12.20 1.68 15.87
N MET A 118 -11.84 2.69 16.64
CA MET A 118 -10.92 3.69 16.12
C MET A 118 -9.71 2.98 15.54
N ASP A 119 -9.30 1.89 16.18
CA ASP A 119 -8.16 1.14 15.71
C ASP A 119 -8.39 0.56 14.32
N ASP A 120 -9.53 -0.11 14.13
CA ASP A 120 -9.87 -0.69 12.84
C ASP A 120 -9.70 0.36 11.72
N GLU A 121 -10.22 1.56 11.93
CA GLU A 121 -10.09 2.61 10.91
C GLU A 121 -8.71 3.24 10.86
N GLU A 122 -7.93 3.10 11.92
CA GLU A 122 -6.59 3.67 11.90
C GLU A 122 -5.71 2.79 11.02
N SER A 123 -5.98 1.49 11.05
CA SER A 123 -5.23 0.54 10.25
C SER A 123 -5.67 0.65 8.79
N TRP A 124 -6.95 0.94 8.57
CA TRP A 124 -7.48 1.11 7.22
C TRP A 124 -6.86 2.35 6.57
N ILE A 125 -6.79 3.44 7.31
CA ILE A 125 -6.19 4.68 6.83
C ILE A 125 -4.73 4.41 6.50
N LYS A 126 -4.02 3.77 7.43
CA LYS A 126 -2.60 3.44 7.22
C LYS A 126 -2.38 2.66 5.93
N GLU A 127 -3.25 1.69 5.66
CA GLU A 127 -3.11 0.90 4.44
C GLU A 127 -3.21 1.84 3.24
N LYS A 128 -4.21 2.72 3.25
CA LYS A 128 -4.40 3.65 2.15
C LYS A 128 -3.23 4.63 2.03
N LYS A 129 -2.64 4.98 3.17
CA LYS A 129 -1.51 5.89 3.17
C LYS A 129 -0.39 5.21 2.40
N LEU A 130 -0.31 3.91 2.56
CA LEU A 130 0.70 3.11 1.91
C LEU A 130 0.54 3.12 0.39
N LEU A 131 -0.69 3.00 -0.10
CA LEU A 131 -0.90 2.99 -1.54
C LEU A 131 -0.62 4.36 -2.14
N VAL A 132 -1.20 5.40 -1.54
CA VAL A 132 -1.04 6.78 -2.00
C VAL A 132 0.40 7.33 -1.96
N SER A 133 1.31 6.60 -1.33
CA SER A 133 2.69 7.05 -1.23
C SER A 133 3.53 6.53 -2.40
N SER A 134 2.88 5.79 -3.28
CA SER A 134 3.53 5.24 -4.45
C SER A 134 4.17 6.36 -5.26
N GLU A 135 5.33 6.08 -5.85
CA GLU A 135 6.00 7.08 -6.66
C GLU A 135 6.04 6.63 -8.11
N ASP A 136 5.26 5.60 -8.41
CA ASP A 136 5.17 5.06 -9.77
C ASP A 136 4.33 6.06 -10.57
N TYR A 137 4.97 6.72 -11.52
CA TYR A 137 4.31 7.73 -12.35
C TYR A 137 4.20 7.30 -13.80
N GLY A 138 4.46 6.03 -14.08
CA GLY A 138 4.37 5.53 -15.43
C GLY A 138 5.45 6.07 -16.36
N ARG A 139 5.96 5.22 -17.23
CA ARG A 139 7.00 5.61 -18.18
C ARG A 139 6.50 5.94 -19.57
N ASP A 140 5.18 5.95 -19.75
CA ASP A 140 4.61 6.31 -21.05
C ASP A 140 3.11 6.60 -20.93
N LEU A 141 2.59 7.26 -21.95
CA LEU A 141 1.19 7.66 -22.01
C LEU A 141 0.18 6.62 -21.50
N THR A 142 0.24 5.41 -22.05
CA THR A 142 -0.67 4.36 -21.63
C THR A 142 -0.47 4.06 -20.14
N GLY A 143 0.80 3.89 -19.75
CA GLY A 143 1.11 3.61 -18.36
C GLY A 143 0.56 4.66 -17.43
N VAL A 144 0.74 5.93 -17.77
CA VAL A 144 0.24 7.02 -16.92
C VAL A 144 -1.27 6.91 -16.77
N GLN A 145 -1.97 6.72 -17.88
CA GLN A 145 -3.41 6.60 -17.87
C GLN A 145 -3.88 5.46 -16.96
N ASN A 146 -3.15 4.35 -16.96
CA ASN A 146 -3.55 3.23 -16.12
C ASN A 146 -3.36 3.56 -14.65
N LEU A 147 -2.33 4.34 -14.36
CA LEU A 147 -2.06 4.72 -12.99
C LEU A 147 -3.14 5.70 -12.53
N ARG A 148 -3.56 6.60 -13.41
CA ARG A 148 -4.58 7.56 -13.06
C ARG A 148 -5.92 6.88 -12.89
N LYS A 149 -6.21 5.91 -13.75
CA LYS A 149 -7.46 5.19 -13.67
C LYS A 149 -7.54 4.50 -12.33
N LYS A 150 -6.41 4.00 -11.86
CA LYS A 150 -6.36 3.31 -10.59
C LYS A 150 -6.42 4.28 -9.44
N HIS A 151 -5.80 5.44 -9.59
CA HIS A 151 -5.80 6.42 -8.52
C HIS A 151 -7.18 7.02 -8.34
N LYS A 152 -7.90 7.15 -9.44
CA LYS A 152 -9.23 7.70 -9.37
C LYS A 152 -10.20 6.82 -8.58
N ARG A 153 -10.03 5.50 -8.63
CA ARG A 153 -10.91 4.62 -7.89
C ARG A 153 -10.54 4.56 -6.43
N LEU A 154 -9.29 4.89 -6.13
CA LEU A 154 -8.82 4.91 -4.76
C LEU A 154 -9.42 6.16 -4.08
N GLU A 155 -9.41 7.29 -4.78
CA GLU A 155 -9.99 8.50 -4.22
C GLU A 155 -11.49 8.28 -3.99
N ALA A 156 -12.07 7.40 -4.79
CA ALA A 156 -13.48 7.08 -4.64
C ALA A 156 -13.62 6.23 -3.39
N GLU A 157 -12.73 5.25 -3.23
CA GLU A 157 -12.75 4.39 -2.04
C GLU A 157 -12.84 5.25 -0.80
N LEU A 158 -11.91 6.21 -0.70
CA LEU A 158 -11.84 7.10 0.44
C LEU A 158 -13.13 7.92 0.60
N ALA A 159 -13.65 8.43 -0.51
CA ALA A 159 -14.88 9.22 -0.48
C ALA A 159 -16.02 8.34 0.00
N ALA A 160 -15.99 7.07 -0.41
CA ALA A 160 -17.01 6.11 -0.03
C ALA A 160 -16.90 5.80 1.47
N HIS A 161 -15.68 5.88 2.02
CA HIS A 161 -15.46 5.58 3.43
C HIS A 161 -15.57 6.76 4.41
N GLU A 162 -15.49 7.99 3.89
CA GLU A 162 -15.58 9.21 4.72
C GLU A 162 -16.62 9.14 5.85
N PRO A 163 -17.82 8.60 5.59
CA PRO A 163 -18.84 8.53 6.65
C PRO A 163 -18.45 7.65 7.85
N ALA A 164 -17.69 6.59 7.59
CA ALA A 164 -17.26 5.73 8.70
C ALA A 164 -16.25 6.51 9.52
N ILE A 165 -15.42 7.31 8.86
CA ILE A 165 -14.41 8.11 9.53
C ILE A 165 -15.06 9.12 10.46
N GLN A 166 -16.09 9.80 9.96
CA GLN A 166 -16.80 10.79 10.76
C GLN A 166 -17.49 10.08 11.91
N GLY A 167 -18.04 8.91 11.62
CA GLY A 167 -18.70 8.14 12.66
C GLY A 167 -17.83 7.98 13.89
N VAL A 168 -16.59 7.53 13.68
CA VAL A 168 -15.67 7.37 14.77
C VAL A 168 -15.60 8.69 15.51
N LEU A 169 -15.38 9.76 14.75
CA LEU A 169 -15.28 11.11 15.32
C LEU A 169 -16.49 11.50 16.14
N ASP A 170 -17.69 11.32 15.58
CA ASP A 170 -18.90 11.67 16.30
C ASP A 170 -19.09 10.79 17.52
N THR A 171 -18.91 9.50 17.35
CA THR A 171 -19.05 8.59 18.48
C THR A 171 -18.08 9.01 19.57
N GLY A 172 -16.90 9.45 19.18
CA GLY A 172 -15.90 9.87 20.14
C GLY A 172 -16.22 11.12 20.93
N LYS A 173 -16.60 12.19 20.24
N LYS A 173 -16.61 12.18 20.22
CA LYS A 173 -16.92 13.43 20.94
CA LYS A 173 -16.98 13.44 20.85
C LYS A 173 -18.02 13.17 21.95
C LYS A 173 -18.02 13.16 21.93
N LYS A 174 -18.94 12.26 21.61
CA LYS A 174 -20.02 11.94 22.52
C LYS A 174 -19.53 11.33 23.84
N LEU A 175 -18.44 10.55 23.81
CA LEU A 175 -17.91 9.97 25.04
C LEU A 175 -17.26 11.06 25.85
N SER A 176 -16.57 11.97 25.17
CA SER A 176 -15.89 13.05 25.85
C SER A 176 -16.88 13.93 26.61
N ASP A 177 -18.12 14.00 26.13
CA ASP A 177 -19.15 14.79 26.79
C ASP A 177 -19.68 14.02 27.99
N ASP A 178 -19.67 12.69 27.90
CA ASP A 178 -20.15 11.83 28.97
C ASP A 178 -18.99 11.48 29.90
N ASN A 179 -18.10 12.44 30.07
CA ASN A 179 -16.92 12.31 30.92
C ASN A 179 -16.44 10.88 31.12
N THR A 180 -16.44 10.10 30.04
CA THR A 180 -15.97 8.73 30.14
C THR A 180 -14.60 8.79 30.83
N ILE A 181 -14.49 8.08 31.95
CA ILE A 181 -13.28 8.04 32.74
C ILE A 181 -12.04 8.61 32.06
N GLY A 182 -11.74 8.12 30.86
CA GLY A 182 -10.57 8.59 30.15
C GLY A 182 -10.83 9.68 29.13
N LYS A 183 -11.13 10.89 29.60
CA LYS A 183 -11.39 11.99 28.69
C LYS A 183 -10.08 12.44 28.06
N GLU A 184 -9.05 12.59 28.88
CA GLU A 184 -7.75 13.03 28.38
C GLU A 184 -7.24 12.10 27.28
N GLU A 185 -7.50 10.81 27.42
CA GLU A 185 -7.06 9.81 26.44
C GLU A 185 -7.82 9.91 25.10
N ILE A 186 -9.13 10.08 25.13
CA ILE A 186 -9.90 10.20 23.90
C ILE A 186 -9.66 11.52 23.18
N GLN A 187 -9.26 12.55 23.93
CA GLN A 187 -8.99 13.84 23.31
C GLN A 187 -7.71 13.73 22.48
N GLN A 188 -6.78 12.90 22.94
CA GLN A 188 -5.51 12.73 22.23
C GLN A 188 -5.62 11.80 21.05
N ARG A 189 -6.49 10.81 21.15
N ARG A 189 -6.49 10.80 21.16
CA ARG A 189 -6.68 9.85 20.07
CA ARG A 189 -6.68 9.84 20.08
C ARG A 189 -7.51 10.44 18.93
C ARG A 189 -7.50 10.43 18.94
N LEU A 190 -8.53 11.20 19.27
CA LEU A 190 -9.37 11.84 18.26
C LEU A 190 -8.50 12.83 17.49
N ALA A 191 -7.68 13.57 18.22
CA ALA A 191 -6.79 14.52 17.59
C ALA A 191 -5.91 13.76 16.61
N GLN A 192 -5.28 12.70 17.11
CA GLN A 192 -4.40 11.86 16.30
C GLN A 192 -5.13 11.21 15.12
N PHE A 193 -6.32 10.69 15.39
CA PHE A 193 -7.12 10.04 14.37
C PHE A 193 -7.36 11.02 13.22
N VAL A 194 -7.64 12.29 13.56
CA VAL A 194 -7.91 13.30 12.54
C VAL A 194 -6.70 13.63 11.68
N ASP A 195 -5.54 13.72 12.30
CA ASP A 195 -4.33 14.02 11.57
C ASP A 195 -4.02 12.91 10.58
N HIS A 196 -4.19 11.66 10.99
CA HIS A 196 -3.92 10.58 10.05
C HIS A 196 -4.78 10.72 8.81
N TRP A 197 -6.08 10.95 9.02
CA TRP A 197 -7.06 11.12 7.95
C TRP A 197 -6.68 12.30 7.06
N LYS A 198 -6.50 13.47 7.66
CA LYS A 198 -6.13 14.66 6.90
C LYS A 198 -4.87 14.38 6.07
N GLU A 199 -3.93 13.63 6.65
CA GLU A 199 -2.71 13.33 5.93
C GLU A 199 -3.05 12.52 4.69
N LEU A 200 -3.75 11.42 4.89
CA LEU A 200 -4.16 10.55 3.80
C LEU A 200 -4.79 11.35 2.65
N LYS A 201 -5.61 12.35 2.96
CA LYS A 201 -6.24 13.14 1.91
C LYS A 201 -5.26 14.11 1.27
N GLN A 202 -4.30 14.58 2.05
CA GLN A 202 -3.31 15.49 1.52
C GLN A 202 -2.47 14.69 0.57
N LEU A 203 -2.02 13.54 1.03
CA LEU A 203 -1.20 12.67 0.21
C LEU A 203 -1.86 12.22 -1.11
N ALA A 204 -3.16 11.96 -1.08
CA ALA A 204 -3.88 11.57 -2.29
C ALA A 204 -4.03 12.73 -3.27
N ALA A 205 -4.01 13.95 -2.73
CA ALA A 205 -4.12 15.12 -3.57
C ALA A 205 -2.82 15.30 -4.34
N ALA A 206 -1.70 15.27 -3.62
CA ALA A 206 -0.39 15.45 -4.23
C ALA A 206 -0.12 14.38 -5.29
N ARG A 207 -0.39 13.13 -4.95
CA ARG A 207 -0.20 12.01 -5.86
C ARG A 207 -1.01 12.25 -7.16
N GLY A 208 -2.30 12.53 -7.00
CA GLY A 208 -3.17 12.77 -8.14
C GLY A 208 -2.70 13.85 -9.08
N GLN A 209 -2.17 14.93 -8.52
CA GLN A 209 -1.69 16.06 -9.30
C GLN A 209 -0.35 15.75 -9.95
N ARG A 210 0.47 14.97 -9.28
CA ARG A 210 1.77 14.61 -9.81
C ARG A 210 1.51 13.71 -11.03
N LEU A 211 0.40 12.97 -11.00
CA LEU A 211 0.02 12.08 -12.10
C LEU A 211 -0.42 12.86 -13.33
N GLU A 212 -1.23 13.89 -13.13
CA GLU A 212 -1.70 14.70 -14.23
C GLU A 212 -0.48 15.26 -14.94
N GLU A 213 0.53 15.62 -14.15
CA GLU A 213 1.75 16.16 -14.71
C GLU A 213 2.41 15.11 -15.63
N SER A 214 2.51 13.87 -15.16
CA SER A 214 3.10 12.80 -15.97
C SER A 214 2.27 12.62 -17.23
N LEU A 215 0.95 12.60 -17.09
CA LEU A 215 0.06 12.48 -18.24
C LEU A 215 0.41 13.57 -19.25
N GLU A 216 0.38 14.83 -18.81
CA GLU A 216 0.67 15.95 -19.70
C GLU A 216 2.06 15.83 -20.31
N TYR A 217 3.03 15.46 -19.49
CA TYR A 217 4.40 15.31 -19.95
C TYR A 217 4.50 14.19 -20.98
N GLN A 218 4.06 12.99 -20.63
CA GLN A 218 4.12 11.86 -21.56
C GLN A 218 3.45 12.30 -22.87
N GLN A 219 2.36 13.05 -22.76
CA GLN A 219 1.63 13.54 -23.92
C GLN A 219 2.50 14.48 -24.75
N PHE A 220 3.36 15.22 -24.08
CA PHE A 220 4.27 16.14 -24.74
C PHE A 220 5.34 15.33 -25.46
N VAL A 221 5.94 14.41 -24.72
CA VAL A 221 6.97 13.55 -25.27
C VAL A 221 6.40 12.86 -26.51
N ALA A 222 5.20 12.30 -26.38
CA ALA A 222 4.56 11.61 -27.50
C ALA A 222 4.50 12.48 -28.74
N ASN A 223 4.10 13.73 -28.56
CA ASN A 223 4.00 14.65 -29.69
C ASN A 223 5.37 15.02 -30.27
N VAL A 224 6.36 15.18 -29.40
CA VAL A 224 7.68 15.49 -29.90
C VAL A 224 8.14 14.36 -30.82
N GLU A 225 7.99 13.12 -30.37
CA GLU A 225 8.41 11.98 -31.17
C GLU A 225 7.63 11.87 -32.48
N GLU A 226 6.38 12.32 -32.47
CA GLU A 226 5.55 12.25 -33.65
C GLU A 226 6.07 13.10 -34.79
N GLU A 227 6.60 14.27 -34.43
CA GLU A 227 7.15 15.21 -35.40
C GLU A 227 8.52 14.76 -35.84
N GLU A 228 9.26 14.16 -34.91
CA GLU A 228 10.59 13.68 -35.21
C GLU A 228 10.55 12.49 -36.16
N ALA A 229 9.53 11.66 -36.04
CA ALA A 229 9.43 10.50 -36.92
C ALA A 229 9.23 10.98 -38.34
N TRP A 230 8.46 12.05 -38.50
CA TRP A 230 8.22 12.61 -39.81
C TRP A 230 9.48 13.30 -40.32
N ILE A 231 10.21 13.94 -39.43
CA ILE A 231 11.41 14.63 -39.84
C ILE A 231 12.44 13.59 -40.30
N ASN A 232 12.57 12.50 -39.56
CA ASN A 232 13.53 11.45 -39.93
C ASN A 232 13.23 10.92 -41.32
N GLU A 233 11.95 10.76 -41.64
CA GLU A 233 11.55 10.28 -42.96
C GLU A 233 12.05 11.28 -43.99
N LYS A 234 11.58 12.52 -43.89
CA LYS A 234 11.97 13.57 -44.82
C LYS A 234 13.49 13.70 -44.92
N MET A 235 14.18 13.55 -43.79
CA MET A 235 15.63 13.65 -43.75
C MET A 235 16.22 12.70 -44.78
N THR A 236 15.54 11.59 -44.99
CA THR A 236 15.97 10.57 -45.94
C THR A 236 15.78 11.00 -47.39
N LEU A 237 14.52 11.06 -47.82
CA LEU A 237 14.22 11.47 -49.19
C LEU A 237 15.11 12.62 -49.65
N VAL A 238 15.27 13.62 -48.78
CA VAL A 238 16.08 14.79 -49.09
C VAL A 238 17.51 14.41 -49.44
N ALA A 239 18.00 13.34 -48.83
CA ALA A 239 19.36 12.87 -49.06
C ALA A 239 19.52 12.18 -50.41
N SER A 240 18.53 12.31 -51.29
CA SER A 240 18.60 11.68 -52.60
C SER A 240 18.91 12.69 -53.70
N GLU A 241 20.19 12.86 -54.02
CA GLU A 241 20.60 13.79 -55.06
C GLU A 241 20.14 13.35 -56.44
N ASP A 242 20.61 12.18 -56.86
CA ASP A 242 20.25 11.62 -58.17
C ASP A 242 19.08 12.31 -58.84
N TYR A 243 19.39 13.07 -59.90
CA TYR A 243 18.41 13.79 -60.68
C TYR A 243 18.34 13.13 -62.03
N GLY A 244 18.73 11.86 -62.06
CA GLY A 244 18.73 11.11 -63.30
C GLY A 244 19.68 11.75 -64.30
N ASP A 245 19.17 12.02 -65.50
CA ASP A 245 19.96 12.63 -66.56
C ASP A 245 19.06 13.27 -67.61
N THR A 246 17.84 13.61 -67.21
CA THR A 246 16.88 14.23 -68.10
C THR A 246 16.13 15.35 -67.39
N LEU A 247 15.77 16.40 -68.13
CA LEU A 247 15.06 17.53 -67.56
C LEU A 247 13.75 17.11 -66.87
N ALA A 248 13.11 16.08 -67.41
CA ALA A 248 11.86 15.59 -66.86
C ALA A 248 11.97 15.19 -65.41
N ALA A 249 12.98 14.38 -65.09
CA ALA A 249 13.19 13.90 -63.73
C ALA A 249 13.49 15.04 -62.75
N ILE A 250 14.00 16.16 -63.25
CA ILE A 250 14.32 17.30 -62.41
C ILE A 250 13.09 17.91 -61.77
N GLN A 251 12.23 18.51 -62.58
CA GLN A 251 11.02 19.11 -62.03
C GLN A 251 10.22 18.01 -61.34
N GLY A 252 10.41 16.78 -61.79
CA GLY A 252 9.71 15.65 -61.18
C GLY A 252 10.11 15.62 -59.72
N LEU A 253 11.38 15.87 -59.46
CA LEU A 253 11.92 15.89 -58.10
C LEU A 253 11.59 17.24 -57.49
N LEU A 254 11.94 18.30 -58.22
CA LEU A 254 11.71 19.68 -57.80
C LEU A 254 10.24 19.88 -57.41
N LYS A 255 9.34 19.29 -58.18
CA LYS A 255 7.91 19.38 -57.90
C LYS A 255 7.67 18.68 -56.58
N LYS A 256 8.26 17.50 -56.42
CA LYS A 256 8.10 16.73 -55.20
C LYS A 256 8.77 17.49 -54.05
N HIS A 257 9.66 18.40 -54.40
CA HIS A 257 10.36 19.19 -53.39
C HIS A 257 9.58 20.44 -53.02
N GLU A 258 8.89 21.03 -54.00
CA GLU A 258 8.08 22.22 -53.74
C GLU A 258 6.97 21.72 -52.85
N ALA A 259 6.58 20.47 -53.08
CA ALA A 259 5.52 19.85 -52.30
C ALA A 259 6.06 19.55 -50.90
N PHE A 260 7.29 19.05 -50.82
CA PHE A 260 7.89 18.77 -49.53
C PHE A 260 7.95 20.06 -48.72
N GLU A 261 8.48 21.10 -49.35
CA GLU A 261 8.62 22.42 -48.74
C GLU A 261 7.34 22.89 -48.06
N THR A 262 6.20 22.65 -48.68
CA THR A 262 4.94 23.06 -48.11
C THR A 262 4.65 22.23 -46.83
N ASP A 263 4.72 20.91 -46.95
CA ASP A 263 4.50 20.02 -45.81
C ASP A 263 5.37 20.47 -44.63
N PHE A 264 6.63 20.79 -44.92
CA PHE A 264 7.59 21.20 -43.90
C PHE A 264 7.15 22.48 -43.19
N THR A 265 6.44 23.33 -43.90
CA THR A 265 5.97 24.57 -43.29
C THR A 265 4.91 24.21 -42.26
N VAL A 266 3.96 23.37 -42.68
CA VAL A 266 2.89 22.94 -41.80
C VAL A 266 3.48 22.29 -40.57
N HIS A 267 4.42 21.38 -40.78
CA HIS A 267 5.08 20.65 -39.71
C HIS A 267 5.92 21.50 -38.75
N LYS A 268 6.80 22.35 -39.27
CA LYS A 268 7.60 23.16 -38.36
C LYS A 268 6.71 24.13 -37.58
N ASP A 269 5.43 24.16 -37.93
CA ASP A 269 4.48 25.00 -37.23
C ASP A 269 3.89 24.17 -36.09
N ARG A 270 3.67 22.88 -36.34
CA ARG A 270 3.14 21.98 -35.32
C ARG A 270 4.22 21.83 -34.27
N VAL A 271 5.48 21.97 -34.71
CA VAL A 271 6.61 21.87 -33.82
C VAL A 271 6.59 23.07 -32.87
N ASN A 272 6.23 24.24 -33.40
CA ASN A 272 6.16 25.42 -32.55
C ASN A 272 5.11 25.20 -31.47
N ASP A 273 3.99 24.59 -31.83
CA ASP A 273 2.93 24.31 -30.87
C ASP A 273 3.41 23.33 -29.82
N VAL A 274 4.10 22.29 -30.26
CA VAL A 274 4.62 21.28 -29.34
C VAL A 274 5.55 21.96 -28.35
N CYS A 275 6.34 22.90 -28.82
CA CYS A 275 7.26 23.60 -27.95
C CYS A 275 6.49 24.55 -27.04
N ALA A 276 5.47 25.21 -27.60
CA ALA A 276 4.64 26.12 -26.83
C ALA A 276 4.05 25.29 -25.69
N ASN A 277 3.54 24.11 -26.05
CA ASN A 277 2.96 23.18 -25.09
C ASN A 277 3.99 22.91 -24.01
N GLY A 278 5.20 22.56 -24.44
CA GLY A 278 6.26 22.29 -23.49
C GLY A 278 6.54 23.49 -22.61
N GLU A 279 6.79 24.64 -23.25
CA GLU A 279 7.08 25.87 -22.49
C GLU A 279 6.06 26.05 -21.37
N ASP A 280 4.79 25.85 -21.74
CA ASP A 280 3.68 25.99 -20.79
C ASP A 280 3.82 25.07 -19.58
N LEU A 281 4.28 23.84 -19.83
CA LEU A 281 4.47 22.87 -18.76
C LEU A 281 5.54 23.41 -17.85
N ILE A 282 6.54 24.03 -18.45
CA ILE A 282 7.62 24.62 -17.68
C ILE A 282 7.00 25.74 -16.85
N LYS A 283 6.09 26.48 -17.48
CA LYS A 283 5.42 27.59 -16.80
C LYS A 283 4.63 27.13 -15.58
N LYS A 284 3.83 26.08 -15.74
CA LYS A 284 3.03 25.57 -14.64
C LYS A 284 3.84 24.71 -13.67
N ASN A 285 5.16 24.76 -13.79
CA ASN A 285 6.05 24.01 -12.91
C ASN A 285 5.71 22.53 -12.95
N ASN A 286 6.27 21.83 -13.94
CA ASN A 286 6.02 20.39 -14.09
C ASN A 286 7.19 19.56 -13.57
N HIS A 287 6.88 18.41 -12.99
CA HIS A 287 7.92 17.53 -12.48
C HIS A 287 9.06 17.39 -13.50
N HIS A 288 8.71 17.23 -14.77
CA HIS A 288 9.74 17.05 -15.80
C HIS A 288 10.19 18.29 -16.57
N VAL A 289 10.44 19.39 -15.87
CA VAL A 289 10.92 20.60 -16.52
C VAL A 289 12.26 20.24 -17.15
N GLU A 290 12.92 19.25 -16.57
CA GLU A 290 14.20 18.77 -17.03
C GLU A 290 14.16 18.18 -18.43
N ASN A 291 13.35 17.14 -18.61
CA ASN A 291 13.23 16.48 -19.92
C ASN A 291 12.60 17.39 -20.96
N ILE A 292 11.65 18.21 -20.52
CA ILE A 292 10.99 19.11 -21.45
C ILE A 292 12.03 19.96 -22.18
N THR A 293 12.94 20.56 -21.41
CA THR A 293 14.00 21.38 -21.98
C THR A 293 14.74 20.54 -23.01
N ALA A 294 15.32 19.45 -22.54
CA ALA A 294 16.08 18.55 -23.41
C ALA A 294 15.30 18.15 -24.66
N LYS A 295 14.14 17.55 -24.46
CA LYS A 295 13.31 17.11 -25.58
C LYS A 295 13.05 18.24 -26.59
N MET A 296 12.90 19.48 -26.10
CA MET A 296 12.67 20.61 -27.01
C MET A 296 13.93 20.98 -27.76
N LYS A 297 15.05 21.00 -27.05
CA LYS A 297 16.34 21.33 -27.66
C LYS A 297 16.66 20.34 -28.78
N GLY A 298 16.24 19.10 -28.58
CA GLY A 298 16.47 18.06 -29.57
C GLY A 298 15.62 18.23 -30.80
N LEU A 299 14.32 18.43 -30.58
CA LEU A 299 13.36 18.61 -31.67
C LEU A 299 13.85 19.75 -32.57
N LYS A 300 13.88 20.95 -32.00
CA LYS A 300 14.32 22.15 -32.70
C LYS A 300 15.59 21.86 -33.49
N GLY A 301 16.53 21.16 -32.87
CA GLY A 301 17.78 20.84 -33.54
C GLY A 301 17.54 20.10 -34.83
N LYS A 302 16.79 19.00 -34.70
CA LYS A 302 16.45 18.18 -35.85
C LYS A 302 15.73 19.02 -36.88
N VAL A 303 15.06 20.07 -36.43
CA VAL A 303 14.35 20.94 -37.37
C VAL A 303 15.37 21.73 -38.17
N SER A 304 16.44 22.13 -37.50
CA SER A 304 17.50 22.89 -38.16
C SER A 304 18.16 21.95 -39.14
N ASP A 305 18.54 20.77 -38.65
CA ASP A 305 19.19 19.81 -39.50
C ASP A 305 18.39 19.56 -40.77
N LEU A 306 17.09 19.41 -40.64
CA LEU A 306 16.26 19.19 -41.83
C LEU A 306 16.32 20.46 -42.66
N GLU A 307 16.29 21.61 -41.99
CA GLU A 307 16.36 22.92 -42.66
C GLU A 307 17.67 23.09 -43.43
N LYS A 308 18.71 22.40 -42.97
CA LYS A 308 20.03 22.45 -43.60
C LYS A 308 20.10 21.61 -44.87
N ALA A 309 19.56 20.39 -44.80
CA ALA A 309 19.59 19.47 -45.93
C ALA A 309 18.54 19.78 -46.99
N ALA A 310 17.37 20.23 -46.55
CA ALA A 310 16.29 20.56 -47.47
C ALA A 310 16.70 21.67 -48.43
N ALA A 311 17.58 22.54 -47.95
CA ALA A 311 18.09 23.67 -48.72
C ALA A 311 19.06 23.27 -49.81
N GLN A 312 20.08 22.51 -49.44
CA GLN A 312 21.09 22.09 -50.41
C GLN A 312 20.51 21.21 -51.51
N ARG A 313 19.47 20.43 -51.19
CA ARG A 313 18.84 19.57 -52.18
C ARG A 313 18.23 20.52 -53.19
N LYS A 314 17.45 21.47 -52.68
CA LYS A 314 16.82 22.48 -53.51
C LYS A 314 17.93 23.17 -54.28
N ALA A 315 19.05 23.43 -53.59
CA ALA A 315 20.21 24.10 -54.17
C ALA A 315 20.69 23.45 -55.46
N LYS A 316 20.39 22.18 -55.64
CA LYS A 316 20.79 21.47 -56.85
C LYS A 316 19.61 21.37 -57.80
N LEU A 317 18.42 21.22 -57.22
CA LEU A 317 17.19 21.09 -58.00
C LEU A 317 16.74 22.37 -58.70
N ASP A 318 17.03 23.52 -58.10
CA ASP A 318 16.63 24.80 -58.70
C ASP A 318 17.70 25.24 -59.70
N GLU A 319 18.23 24.26 -60.43
CA GLU A 319 19.26 24.46 -61.43
C GLU A 319 18.67 24.39 -62.85
N GLN B 5 9.91 0.85 -80.38
CA GLN B 5 11.22 1.11 -79.73
C GLN B 5 11.15 2.38 -78.89
N GLN B 6 10.18 3.24 -79.20
CA GLN B 6 10.02 4.49 -78.46
C GLN B 6 9.08 4.30 -77.27
N ASN B 7 8.07 3.46 -77.45
CA ASN B 7 7.11 3.18 -76.37
C ASN B 7 7.85 2.60 -75.18
N PHE B 8 8.81 1.72 -75.47
CA PHE B 8 9.61 1.07 -74.45
C PHE B 8 10.47 2.12 -73.74
N ASN B 9 11.33 2.78 -74.49
CA ASN B 9 12.22 3.78 -73.94
C ASN B 9 11.48 4.82 -73.12
N THR B 10 10.18 4.96 -73.35
CA THR B 10 9.36 5.91 -72.60
C THR B 10 8.86 5.20 -71.34
N GLY B 11 8.29 4.01 -71.52
CA GLY B 11 7.82 3.26 -70.37
C GLY B 11 8.92 3.02 -69.34
N ILE B 12 10.16 2.91 -69.82
CA ILE B 12 11.30 2.67 -68.93
C ILE B 12 11.60 3.96 -68.18
N LYS B 13 11.48 5.06 -68.91
CA LYS B 13 11.72 6.39 -68.38
C LYS B 13 10.82 6.60 -67.18
N ASP B 14 9.54 6.28 -67.33
CA ASP B 14 8.60 6.43 -66.23
C ASP B 14 8.88 5.45 -65.10
N PHE B 15 9.08 4.18 -65.44
CA PHE B 15 9.33 3.16 -64.44
C PHE B 15 10.56 3.49 -63.63
N ASP B 16 11.59 3.98 -64.31
CA ASP B 16 12.85 4.37 -63.69
C ASP B 16 12.60 5.41 -62.59
N PHE B 17 11.68 6.33 -62.88
CA PHE B 17 11.29 7.40 -61.97
C PHE B 17 10.69 6.82 -60.68
N TRP B 18 9.76 5.88 -60.84
CA TRP B 18 9.10 5.24 -59.71
C TRP B 18 10.10 4.40 -58.92
N LEU B 19 10.91 3.62 -59.62
CA LEU B 19 11.89 2.78 -58.94
C LEU B 19 12.82 3.62 -58.06
N SER B 20 13.11 4.85 -58.46
CA SER B 20 13.98 5.70 -57.65
C SER B 20 13.28 6.14 -56.37
N GLU B 21 12.02 6.54 -56.48
CA GLU B 21 11.27 6.99 -55.30
C GLU B 21 11.16 5.92 -54.20
N VAL B 22 10.96 4.68 -54.60
CA VAL B 22 10.80 3.58 -53.65
C VAL B 22 12.11 3.14 -53.01
N GLU B 23 13.17 3.03 -53.80
CA GLU B 23 14.45 2.62 -53.27
C GLU B 23 14.83 3.63 -52.19
N ALA B 24 14.42 4.87 -52.40
CA ALA B 24 14.69 5.94 -51.45
C ALA B 24 13.84 5.75 -50.19
N LEU B 25 12.56 5.45 -50.37
CA LEU B 25 11.68 5.22 -49.24
C LEU B 25 12.17 4.03 -48.45
N LEU B 26 12.65 3.00 -49.15
CA LEU B 26 13.13 1.78 -48.49
C LEU B 26 14.47 1.96 -47.79
N ALA B 27 15.06 3.15 -47.96
CA ALA B 27 16.32 3.47 -47.32
C ALA B 27 16.01 3.90 -45.88
N SER B 28 14.78 3.64 -45.45
CA SER B 28 14.32 3.99 -44.11
C SER B 28 15.21 3.39 -43.06
N GLU B 29 15.29 4.06 -41.93
CA GLU B 29 16.12 3.62 -40.81
C GLU B 29 15.25 3.29 -39.60
N ASP B 30 14.08 3.89 -39.55
CA ASP B 30 13.18 3.72 -38.42
C ASP B 30 12.36 2.44 -38.47
N TYR B 31 12.33 1.73 -37.35
CA TYR B 31 11.54 0.50 -37.22
C TYR B 31 10.65 0.61 -35.98
N GLY B 32 10.68 1.78 -35.35
CA GLY B 32 9.84 2.00 -34.18
C GLY B 32 10.54 2.21 -32.85
N LYS B 33 9.84 2.92 -31.97
CA LYS B 33 10.34 3.23 -30.65
C LYS B 33 9.35 2.64 -29.64
N ASP B 34 8.07 2.65 -30.02
CA ASP B 34 6.99 2.14 -29.17
C ASP B 34 5.88 1.59 -30.05
N LEU B 35 4.79 1.15 -29.42
CA LEU B 35 3.66 0.61 -30.17
C LEU B 35 3.07 1.64 -31.13
N ALA B 36 2.89 2.87 -30.65
CA ALA B 36 2.32 3.94 -31.45
C ALA B 36 3.11 4.20 -32.72
N SER B 37 4.42 4.37 -32.57
CA SER B 37 5.30 4.63 -33.71
C SER B 37 5.39 3.44 -34.66
N VAL B 38 5.43 2.23 -34.12
CA VAL B 38 5.53 1.08 -34.99
C VAL B 38 4.27 0.89 -35.83
N ASN B 39 3.10 1.18 -35.25
CA ASN B 39 1.85 1.03 -35.97
C ASN B 39 1.64 2.06 -37.09
N ASN B 40 2.31 3.21 -37.01
CA ASN B 40 2.22 4.23 -38.05
C ASN B 40 3.14 3.79 -39.19
N LEU B 41 4.35 3.39 -38.82
CA LEU B 41 5.31 2.90 -39.80
C LEU B 41 4.65 1.76 -40.56
N LEU B 42 3.97 0.87 -39.85
CA LEU B 42 3.31 -0.24 -40.52
C LEU B 42 2.23 0.30 -41.43
N LYS B 43 1.53 1.32 -40.96
N LYS B 43 1.52 1.33 -40.97
CA LYS B 43 0.47 1.94 -41.75
CA LYS B 43 0.46 1.93 -41.77
C LYS B 43 1.05 2.39 -43.08
C LYS B 43 1.05 2.39 -43.09
N LYS B 44 2.05 3.25 -43.02
CA LYS B 44 2.69 3.76 -44.23
C LYS B 44 3.24 2.62 -45.10
N HIS B 45 3.83 1.62 -44.46
CA HIS B 45 4.39 0.51 -45.20
C HIS B 45 3.36 -0.31 -45.99
N GLN B 46 2.19 -0.52 -45.42
CA GLN B 46 1.17 -1.31 -46.12
C GLN B 46 0.72 -0.64 -47.40
N LEU B 47 0.66 0.69 -47.42
CA LEU B 47 0.23 1.35 -48.63
C LEU B 47 1.37 1.53 -49.64
N LEU B 48 2.60 1.20 -49.24
CA LEU B 48 3.74 1.26 -50.15
C LEU B 48 3.78 -0.10 -50.83
N GLU B 49 3.44 -1.12 -50.06
CA GLU B 49 3.41 -2.48 -50.58
C GLU B 49 2.25 -2.62 -51.55
N ALA B 50 1.21 -1.82 -51.33
CA ALA B 50 0.06 -1.86 -52.21
C ALA B 50 0.51 -1.24 -53.52
N ASP B 51 1.27 -0.16 -53.40
CA ASP B 51 1.80 0.56 -54.54
C ASP B 51 2.72 -0.35 -55.34
N ILE B 52 3.57 -1.10 -54.64
CA ILE B 52 4.48 -2.04 -55.27
C ILE B 52 3.69 -3.08 -56.04
N SER B 53 2.69 -3.67 -55.40
CA SER B 53 1.86 -4.69 -56.04
C SER B 53 1.23 -4.21 -57.34
N ALA B 54 0.92 -2.93 -57.41
CA ALA B 54 0.30 -2.37 -58.59
C ALA B 54 1.30 -2.21 -59.70
N HIS B 55 2.56 -1.96 -59.36
CA HIS B 55 3.58 -1.80 -60.38
C HIS B 55 4.11 -3.16 -60.86
N GLU B 56 3.63 -4.21 -60.22
CA GLU B 56 4.02 -5.56 -60.59
C GLU B 56 3.53 -5.80 -62.03
N ASP B 57 2.52 -5.04 -62.43
CA ASP B 57 1.94 -5.15 -63.75
C ASP B 57 2.62 -4.25 -64.77
N ARG B 58 3.13 -3.11 -64.31
N ARG B 58 3.12 -3.10 -64.32
CA ARG B 58 3.83 -2.20 -65.21
CA ARG B 58 3.83 -2.22 -65.25
C ARG B 58 5.13 -2.88 -65.63
C ARG B 58 5.10 -2.95 -65.66
N LEU B 59 5.69 -3.66 -64.72
CA LEU B 59 6.91 -4.40 -64.97
C LEU B 59 6.62 -5.50 -65.99
N LYS B 60 5.50 -6.19 -65.77
CA LYS B 60 5.06 -7.28 -66.63
C LYS B 60 4.90 -6.75 -68.05
N ASP B 61 4.20 -5.64 -68.18
CA ASP B 61 3.96 -5.05 -69.48
C ASP B 61 5.27 -4.68 -70.14
N LEU B 62 6.10 -3.92 -69.43
CA LEU B 62 7.39 -3.52 -69.97
C LEU B 62 8.14 -4.74 -70.49
N ASN B 63 8.06 -5.83 -69.74
CA ASN B 63 8.74 -7.04 -70.14
C ASN B 63 8.25 -7.64 -71.44
N SER B 64 6.96 -7.47 -71.72
CA SER B 64 6.37 -7.98 -72.95
C SER B 64 6.91 -7.18 -74.11
N GLN B 65 7.02 -5.87 -73.88
CA GLN B 65 7.54 -4.96 -74.89
C GLN B 65 8.97 -5.37 -75.17
N ALA B 66 9.78 -5.43 -74.12
CA ALA B 66 11.19 -5.80 -74.22
C ALA B 66 11.33 -7.09 -74.99
N ASP B 67 10.51 -8.08 -74.63
CA ASP B 67 10.55 -9.36 -75.31
C ASP B 67 10.17 -9.27 -76.78
N SER B 68 9.08 -8.57 -77.08
CA SER B 68 8.65 -8.45 -78.46
C SER B 68 9.76 -7.82 -79.30
N LEU B 69 10.36 -6.74 -78.82
CA LEU B 69 11.44 -6.09 -79.55
C LEU B 69 12.60 -7.10 -79.73
N MET B 70 13.02 -7.74 -78.64
CA MET B 70 14.11 -8.69 -78.69
C MET B 70 13.91 -9.83 -79.69
N THR B 71 12.72 -10.41 -79.74
CA THR B 71 12.46 -11.51 -80.67
C THR B 71 11.87 -11.02 -81.99
N SER B 72 12.18 -9.78 -82.36
CA SER B 72 11.69 -9.20 -83.61
C SER B 72 12.80 -9.18 -84.67
N SER B 73 12.69 -8.26 -85.63
CA SER B 73 13.66 -8.12 -86.71
C SER B 73 14.35 -6.77 -86.77
N ALA B 74 14.28 -6.02 -85.67
CA ALA B 74 14.94 -4.72 -85.61
C ALA B 74 16.31 -5.04 -85.02
N PHE B 75 17.23 -4.09 -85.03
CA PHE B 75 18.53 -4.41 -84.46
C PHE B 75 19.03 -3.56 -83.29
N ASP B 76 20.01 -4.14 -82.60
CA ASP B 76 20.58 -3.58 -81.41
C ASP B 76 19.45 -3.57 -80.40
N THR B 77 18.99 -4.78 -80.14
CA THR B 77 17.94 -5.04 -79.18
C THR B 77 18.73 -5.37 -77.93
N SER B 78 20.06 -5.30 -78.08
CA SER B 78 20.97 -5.57 -77.00
C SER B 78 20.75 -4.58 -75.88
N GLN B 79 20.69 -3.30 -76.21
CA GLN B 79 20.49 -2.27 -75.19
C GLN B 79 19.10 -2.42 -74.53
N VAL B 80 18.16 -3.01 -75.25
CA VAL B 80 16.83 -3.25 -74.70
C VAL B 80 17.02 -4.28 -73.59
N LYS B 81 17.72 -5.36 -73.92
CA LYS B 81 17.99 -6.43 -72.95
C LYS B 81 18.65 -5.86 -71.68
N ASP B 82 19.61 -4.95 -71.83
CA ASP B 82 20.24 -4.36 -70.67
C ASP B 82 19.20 -3.70 -69.81
N LYS B 83 18.42 -2.79 -70.42
CA LYS B 83 17.37 -2.08 -69.69
C LYS B 83 16.39 -3.03 -69.02
N ARG B 84 15.99 -4.07 -69.73
CA ARG B 84 15.07 -5.03 -69.15
C ARG B 84 15.73 -5.64 -67.93
N GLU B 85 16.98 -6.07 -68.10
CA GLU B 85 17.68 -6.68 -66.99
C GLU B 85 17.74 -5.79 -65.74
N THR B 86 17.93 -4.48 -65.95
CA THR B 86 18.02 -3.58 -64.81
C THR B 86 16.69 -3.39 -64.09
N ILE B 87 15.65 -2.91 -64.78
CA ILE B 87 14.39 -2.72 -64.09
C ILE B 87 13.95 -3.97 -63.34
N ASN B 88 14.18 -5.15 -63.90
CA ASN B 88 13.78 -6.35 -63.15
C ASN B 88 14.64 -6.52 -61.91
N GLY B 89 15.92 -6.18 -62.02
CA GLY B 89 16.80 -6.32 -60.87
C GLY B 89 16.36 -5.36 -59.79
N ARG B 90 16.28 -4.08 -60.16
CA ARG B 90 15.84 -3.04 -59.25
C ARG B 90 14.50 -3.39 -58.64
N PHE B 91 13.59 -3.94 -59.45
CA PHE B 91 12.28 -4.29 -58.93
C PHE B 91 12.30 -5.48 -57.99
N GLN B 92 13.14 -6.46 -58.26
CA GLN B 92 13.21 -7.60 -57.33
C GLN B 92 13.86 -7.14 -56.03
N ARG B 93 14.83 -6.23 -56.14
CA ARG B 93 15.50 -5.70 -54.97
C ARG B 93 14.48 -5.04 -54.05
N ILE B 94 13.72 -4.07 -54.60
CA ILE B 94 12.73 -3.36 -53.79
C ILE B 94 11.68 -4.31 -53.22
N LYS B 95 11.47 -5.45 -53.85
CA LYS B 95 10.49 -6.37 -53.33
C LYS B 95 11.11 -7.12 -52.14
N SER B 96 12.40 -7.39 -52.20
CA SER B 96 13.05 -8.08 -51.10
C SER B 96 13.11 -7.10 -49.94
N MET B 97 13.60 -5.90 -50.20
CA MET B 97 13.69 -4.90 -49.15
C MET B 97 12.34 -4.66 -48.46
N ALA B 98 11.28 -4.54 -49.25
CA ALA B 98 9.95 -4.31 -48.70
C ALA B 98 9.51 -5.47 -47.83
N ALA B 99 9.94 -6.67 -48.18
CA ALA B 99 9.58 -7.84 -47.38
C ALA B 99 10.46 -7.87 -46.14
N ALA B 100 11.74 -7.53 -46.30
CA ALA B 100 12.66 -7.52 -45.17
C ALA B 100 12.20 -6.48 -44.15
N ARG B 101 11.83 -5.29 -44.63
CA ARG B 101 11.39 -4.24 -43.74
C ARG B 101 10.11 -4.66 -43.04
N ARG B 102 9.18 -5.25 -43.79
N ARG B 102 9.18 -5.25 -43.79
CA ARG B 102 7.93 -5.71 -43.20
CA ARG B 102 7.93 -5.72 -43.22
C ARG B 102 8.26 -6.67 -42.07
C ARG B 102 8.29 -6.64 -42.06
N ALA B 103 9.25 -7.52 -42.31
CA ALA B 103 9.71 -8.48 -41.34
C ALA B 103 10.06 -7.84 -40.00
N LYS B 104 11.01 -6.90 -40.03
CA LYS B 104 11.45 -6.22 -38.81
C LYS B 104 10.36 -5.45 -38.07
N LEU B 105 9.50 -4.76 -38.80
CA LEU B 105 8.42 -3.99 -38.19
C LEU B 105 7.52 -4.88 -37.35
N ASN B 106 7.23 -6.07 -37.84
CA ASN B 106 6.39 -7.00 -37.09
C ASN B 106 7.14 -7.44 -35.84
N GLU B 107 8.46 -7.56 -35.95
CA GLU B 107 9.25 -7.99 -34.81
C GLU B 107 9.27 -6.85 -33.79
N SER B 108 9.47 -5.64 -34.30
CA SER B 108 9.50 -4.47 -33.45
C SER B 108 8.17 -4.32 -32.75
N HIS B 109 7.12 -4.68 -33.46
CA HIS B 109 5.78 -4.59 -32.92
C HIS B 109 5.54 -5.55 -31.76
N ARG B 110 6.05 -6.77 -31.87
CA ARG B 110 5.85 -7.74 -30.82
C ARG B 110 6.81 -7.46 -29.66
N LEU B 111 7.91 -6.82 -30.00
CA LEU B 111 8.90 -6.44 -29.00
C LEU B 111 8.25 -5.45 -28.04
N HIS B 112 7.85 -4.29 -28.57
CA HIS B 112 7.23 -3.25 -27.78
C HIS B 112 5.88 -3.66 -27.19
N GLN B 113 5.19 -4.62 -27.82
CA GLN B 113 3.92 -5.08 -27.27
C GLN B 113 4.30 -5.83 -26.00
N PHE B 114 5.35 -6.63 -26.09
CA PHE B 114 5.86 -7.41 -24.96
C PHE B 114 6.16 -6.49 -23.79
N PHE B 115 7.00 -5.49 -24.06
CA PHE B 115 7.37 -4.55 -23.03
C PHE B 115 6.13 -3.93 -22.42
N ARG B 116 5.11 -3.73 -23.24
CA ARG B 116 3.84 -3.17 -22.78
C ARG B 116 3.26 -4.08 -21.71
N ASP B 117 3.17 -5.37 -22.02
CA ASP B 117 2.63 -6.34 -21.09
C ASP B 117 3.47 -6.46 -19.82
N MET B 118 4.79 -6.41 -19.97
CA MET B 118 5.68 -6.50 -18.81
C MET B 118 5.45 -5.27 -17.96
N ASP B 119 5.40 -4.12 -18.61
CA ASP B 119 5.17 -2.84 -17.96
C ASP B 119 3.95 -2.90 -17.03
N ASP B 120 2.87 -3.51 -17.51
CA ASP B 120 1.66 -3.62 -16.70
C ASP B 120 1.88 -4.46 -15.47
N GLU B 121 2.64 -5.55 -15.62
CA GLU B 121 2.93 -6.44 -14.52
C GLU B 121 3.88 -5.77 -13.52
N GLU B 122 4.81 -5.00 -14.06
CA GLU B 122 5.79 -4.29 -13.25
C GLU B 122 5.06 -3.38 -12.27
N SER B 123 3.98 -2.75 -12.75
CA SER B 123 3.20 -1.85 -11.91
C SER B 123 2.40 -2.62 -10.87
N TRP B 124 1.90 -3.78 -11.25
CA TRP B 124 1.17 -4.64 -10.33
C TRP B 124 2.18 -5.00 -9.23
N ILE B 125 3.37 -5.40 -9.65
CA ILE B 125 4.41 -5.78 -8.72
C ILE B 125 4.75 -4.65 -7.77
N LYS B 126 4.98 -3.46 -8.34
CA LYS B 126 5.34 -2.28 -7.56
C LYS B 126 4.29 -1.84 -6.59
N GLU B 127 3.02 -1.91 -6.99
CA GLU B 127 1.96 -1.48 -6.09
C GLU B 127 1.81 -2.50 -4.97
N LYS B 128 2.08 -3.76 -5.28
CA LYS B 128 1.98 -4.81 -4.29
C LYS B 128 3.13 -4.71 -3.30
N LYS B 129 4.28 -4.27 -3.80
CA LYS B 129 5.46 -4.13 -2.97
C LYS B 129 5.23 -3.06 -1.93
N LEU B 130 4.31 -2.14 -2.21
CA LEU B 130 4.00 -1.06 -1.28
C LEU B 130 3.26 -1.63 -0.08
N LEU B 131 2.42 -2.62 -0.33
CA LEU B 131 1.63 -3.24 0.72
C LEU B 131 2.48 -4.05 1.71
N VAL B 132 3.30 -4.99 1.22
CA VAL B 132 4.13 -5.80 2.11
C VAL B 132 5.24 -4.97 2.74
N SER B 133 5.37 -3.74 2.30
CA SER B 133 6.38 -2.86 2.83
C SER B 133 5.82 -2.20 4.09
N SER B 134 4.59 -2.55 4.44
CA SER B 134 3.91 -2.02 5.61
C SER B 134 4.71 -2.29 6.87
N GLU B 135 4.73 -1.32 7.78
CA GLU B 135 5.45 -1.46 9.05
C GLU B 135 4.52 -1.33 10.26
N ASP B 136 3.25 -1.68 10.08
CA ASP B 136 2.26 -1.64 11.14
C ASP B 136 2.10 -3.07 11.61
N TYR B 137 2.30 -3.30 12.91
CA TYR B 137 2.16 -4.66 13.45
C TYR B 137 1.17 -4.73 14.59
N GLY B 138 0.05 -4.01 14.46
CA GLY B 138 -0.97 -4.01 15.50
C GLY B 138 -0.49 -3.47 16.84
N ARG B 139 -1.43 -3.15 17.72
CA ARG B 139 -1.08 -2.63 19.04
C ARG B 139 -1.80 -3.44 20.12
N ASP B 140 -2.27 -4.61 19.75
CA ASP B 140 -2.98 -5.50 20.66
C ASP B 140 -3.13 -6.85 19.98
N LEU B 141 -3.51 -7.87 20.74
CA LEU B 141 -3.67 -9.20 20.17
C LEU B 141 -4.70 -9.30 19.03
N THR B 142 -5.67 -8.38 19.00
CA THR B 142 -6.69 -8.43 17.95
C THR B 142 -6.21 -7.73 16.68
N GLY B 143 -5.35 -6.73 16.85
CA GLY B 143 -4.82 -6.00 15.72
C GLY B 143 -3.97 -6.89 14.83
N VAL B 144 -2.94 -7.47 15.42
CA VAL B 144 -2.04 -8.35 14.69
C VAL B 144 -2.84 -9.49 14.04
N GLN B 145 -3.84 -10.00 14.75
CA GLN B 145 -4.64 -11.06 14.19
C GLN B 145 -5.38 -10.60 12.93
N ASN B 146 -5.80 -9.35 12.92
CA ASN B 146 -6.50 -8.82 11.77
C ASN B 146 -5.49 -8.56 10.68
N LEU B 147 -4.28 -8.20 11.09
CA LEU B 147 -3.21 -7.94 10.13
C LEU B 147 -2.69 -9.17 9.42
N ARG B 148 -2.63 -10.29 10.12
CA ARG B 148 -2.14 -11.54 9.54
C ARG B 148 -3.15 -12.12 8.53
N LYS B 149 -4.43 -11.97 8.82
CA LYS B 149 -5.49 -12.45 7.94
C LYS B 149 -5.46 -11.62 6.66
N LYS B 150 -4.97 -10.39 6.78
CA LYS B 150 -4.86 -9.48 5.65
C LYS B 150 -3.69 -9.94 4.80
N HIS B 151 -2.68 -10.49 5.46
CA HIS B 151 -1.49 -10.97 4.77
C HIS B 151 -1.75 -12.28 4.07
N LYS B 152 -2.72 -13.03 4.58
CA LYS B 152 -3.06 -14.31 3.97
C LYS B 152 -3.86 -13.99 2.72
N ARG B 153 -4.52 -12.83 2.73
CA ARG B 153 -5.30 -12.39 1.58
C ARG B 153 -4.35 -11.87 0.52
N LEU B 154 -3.12 -11.59 0.94
CA LEU B 154 -2.12 -11.06 0.03
C LEU B 154 -1.16 -12.12 -0.48
N GLU B 155 -0.69 -12.98 0.42
CA GLU B 155 0.23 -14.03 0.01
C GLU B 155 -0.44 -14.96 -0.98
N ALA B 156 -1.78 -14.99 -0.94
CA ALA B 156 -2.56 -15.83 -1.84
C ALA B 156 -2.70 -15.05 -3.13
N GLU B 157 -3.01 -13.77 -3.00
CA GLU B 157 -3.18 -12.89 -4.15
C GLU B 157 -1.95 -13.01 -5.06
N LEU B 158 -0.79 -13.21 -4.46
CA LEU B 158 0.47 -13.28 -5.19
C LEU B 158 0.66 -14.58 -5.96
N ALA B 159 0.28 -15.71 -5.37
CA ALA B 159 0.44 -17.00 -6.04
C ALA B 159 -0.50 -17.08 -7.23
N ALA B 160 -1.69 -16.49 -7.09
CA ALA B 160 -2.69 -16.51 -8.15
C ALA B 160 -2.24 -15.70 -9.35
N HIS B 161 -1.35 -14.75 -9.10
CA HIS B 161 -0.87 -13.89 -10.16
C HIS B 161 0.41 -14.39 -10.87
N GLU B 162 1.21 -15.24 -10.20
CA GLU B 162 2.44 -15.75 -10.83
C GLU B 162 2.15 -16.35 -12.20
N PRO B 163 0.91 -16.86 -12.40
CA PRO B 163 0.51 -17.41 -13.70
C PRO B 163 0.64 -16.36 -14.82
N ALA B 164 0.51 -15.09 -14.45
CA ALA B 164 0.62 -14.00 -15.40
C ALA B 164 2.07 -13.54 -15.51
N ILE B 165 2.80 -13.73 -14.42
CA ILE B 165 4.21 -13.36 -14.36
C ILE B 165 5.02 -14.29 -15.24
N GLN B 166 4.78 -15.59 -15.05
CA GLN B 166 5.44 -16.62 -15.82
C GLN B 166 5.10 -16.38 -17.29
N GLY B 167 3.82 -16.15 -17.56
CA GLY B 167 3.38 -15.88 -18.91
C GLY B 167 4.26 -14.83 -19.56
N VAL B 168 4.37 -13.68 -18.91
CA VAL B 168 5.22 -12.63 -19.45
C VAL B 168 6.61 -13.21 -19.58
N LEU B 169 7.07 -13.84 -18.50
CA LEU B 169 8.39 -14.44 -18.47
C LEU B 169 8.70 -15.25 -19.71
N ASP B 170 8.05 -16.40 -19.85
CA ASP B 170 8.28 -17.30 -20.98
C ASP B 170 7.98 -16.70 -22.36
N THR B 171 7.04 -15.76 -22.43
CA THR B 171 6.70 -15.12 -23.69
C THR B 171 7.95 -14.42 -24.20
N GLY B 172 8.70 -13.87 -23.24
CA GLY B 172 9.92 -13.17 -23.57
C GLY B 172 11.04 -14.09 -23.98
N LYS B 173 11.08 -15.29 -23.42
CA LYS B 173 12.14 -16.23 -23.81
C LYS B 173 11.98 -16.49 -25.30
N LYS B 174 10.75 -16.82 -25.71
CA LYS B 174 10.45 -17.10 -27.11
C LYS B 174 10.95 -15.98 -28.02
N LEU B 175 10.77 -14.74 -27.60
CA LEU B 175 11.25 -13.63 -28.42
C LEU B 175 12.76 -13.74 -28.64
N SER B 176 13.53 -13.89 -27.56
CA SER B 176 14.98 -14.03 -27.69
C SER B 176 15.32 -15.21 -28.59
N ASP B 177 14.58 -16.31 -28.45
CA ASP B 177 14.82 -17.48 -29.29
C ASP B 177 14.70 -17.09 -30.77
N ASP B 178 14.18 -15.90 -31.01
CA ASP B 178 14.03 -15.36 -32.36
C ASP B 178 14.42 -13.89 -32.29
N ASN B 179 15.72 -13.61 -32.37
CA ASN B 179 16.19 -12.24 -32.31
C ASN B 179 15.12 -11.26 -32.74
N THR B 180 14.65 -10.44 -31.81
CA THR B 180 13.64 -9.46 -32.14
C THR B 180 14.30 -8.09 -31.98
N ILE B 181 15.14 -7.76 -32.95
CA ILE B 181 15.87 -6.50 -32.97
C ILE B 181 16.10 -5.92 -31.58
N GLY B 182 16.78 -6.71 -30.74
CA GLY B 182 17.06 -6.25 -29.40
C GLY B 182 16.78 -7.32 -28.36
N LYS B 183 17.49 -8.43 -28.43
CA LYS B 183 17.29 -9.51 -27.47
C LYS B 183 18.12 -9.24 -26.22
N GLU B 184 19.07 -8.29 -26.32
CA GLU B 184 19.90 -7.92 -25.19
C GLU B 184 19.00 -7.19 -24.22
N GLU B 185 18.18 -6.30 -24.78
CA GLU B 185 17.23 -5.52 -24.00
C GLU B 185 16.19 -6.46 -23.40
N ILE B 186 15.84 -7.52 -24.13
CA ILE B 186 14.88 -8.49 -23.65
C ILE B 186 15.48 -9.27 -22.48
N GLN B 187 16.63 -9.90 -22.70
CA GLN B 187 17.25 -10.64 -21.62
C GLN B 187 17.45 -9.73 -20.43
N GLN B 188 18.01 -8.56 -20.70
CA GLN B 188 18.26 -7.57 -19.66
C GLN B 188 16.96 -7.29 -18.89
N ARG B 189 15.91 -6.94 -19.62
N ARG B 189 15.91 -6.94 -19.62
CA ARG B 189 14.60 -6.66 -19.03
CA ARG B 189 14.60 -6.66 -19.03
C ARG B 189 13.98 -7.85 -18.31
C ARG B 189 13.98 -7.85 -18.30
N LEU B 190 14.08 -9.04 -18.90
CA LEU B 190 13.54 -10.22 -18.28
C LEU B 190 14.25 -10.46 -16.96
N ALA B 191 15.57 -10.28 -16.97
CA ALA B 191 16.35 -10.47 -15.75
C ALA B 191 15.84 -9.55 -14.65
N GLN B 192 15.70 -8.25 -14.94
CA GLN B 192 15.19 -7.29 -13.95
C GLN B 192 13.79 -7.68 -13.51
N PHE B 193 12.98 -8.09 -14.48
CA PHE B 193 11.62 -8.47 -14.19
C PHE B 193 11.60 -9.64 -13.21
N VAL B 194 12.48 -10.62 -13.45
CA VAL B 194 12.59 -11.80 -12.61
C VAL B 194 12.85 -11.41 -11.16
N ASP B 195 13.88 -10.61 -10.94
CA ASP B 195 14.24 -10.16 -9.60
C ASP B 195 13.14 -9.34 -8.93
N HIS B 196 12.63 -8.31 -9.61
CA HIS B 196 11.56 -7.51 -9.03
C HIS B 196 10.51 -8.42 -8.41
N TRP B 197 10.09 -9.42 -9.16
CA TRP B 197 9.09 -10.36 -8.69
C TRP B 197 9.62 -11.20 -7.54
N LYS B 198 10.93 -11.44 -7.52
CA LYS B 198 11.56 -12.23 -6.45
C LYS B 198 11.64 -11.41 -5.17
N GLU B 199 12.02 -10.15 -5.31
CA GLU B 199 12.13 -9.23 -4.19
C GLU B 199 10.75 -9.05 -3.57
N LEU B 200 9.71 -9.27 -4.38
CA LEU B 200 8.36 -9.13 -3.86
C LEU B 200 7.98 -10.33 -3.01
N LYS B 201 8.41 -11.52 -3.42
CA LYS B 201 8.11 -12.73 -2.68
C LYS B 201 8.85 -12.70 -1.36
N GLN B 202 10.15 -12.42 -1.42
CA GLN B 202 10.98 -12.38 -0.24
C GLN B 202 10.40 -11.40 0.79
N LEU B 203 10.21 -10.15 0.39
CA LEU B 203 9.65 -9.17 1.30
C LEU B 203 8.27 -9.61 1.79
N ALA B 204 7.49 -10.26 0.92
CA ALA B 204 6.18 -10.72 1.33
C ALA B 204 6.43 -11.62 2.52
N ALA B 205 7.36 -12.55 2.36
CA ALA B 205 7.72 -13.49 3.41
C ALA B 205 8.22 -12.75 4.65
N ALA B 206 9.11 -11.78 4.44
CA ALA B 206 9.68 -11.00 5.54
C ALA B 206 8.60 -10.44 6.46
N ARG B 207 7.60 -9.78 5.89
CA ARG B 207 6.52 -9.22 6.70
C ARG B 207 5.74 -10.36 7.36
N GLY B 208 5.28 -11.31 6.55
CA GLY B 208 4.52 -12.43 7.08
C GLY B 208 5.16 -13.04 8.33
N GLN B 209 6.49 -13.04 8.39
CA GLN B 209 7.16 -13.62 9.56
C GLN B 209 7.18 -12.62 10.72
N ARG B 210 7.46 -11.35 10.42
CA ARG B 210 7.49 -10.33 11.46
C ARG B 210 6.12 -10.24 12.12
N LEU B 211 5.08 -10.49 11.34
CA LEU B 211 3.72 -10.46 11.87
C LEU B 211 3.56 -11.61 12.83
N GLU B 212 4.22 -12.73 12.52
CA GLU B 212 4.16 -13.92 13.36
C GLU B 212 4.89 -13.70 14.67
N GLU B 213 5.97 -12.94 14.63
CA GLU B 213 6.74 -12.63 15.83
C GLU B 213 5.94 -11.66 16.68
N SER B 214 5.01 -10.99 16.01
CA SER B 214 4.13 -10.02 16.65
C SER B 214 2.98 -10.73 17.35
N LEU B 215 2.43 -11.76 16.70
CA LEU B 215 1.33 -12.48 17.31
C LEU B 215 1.74 -13.12 18.61
N GLU B 216 2.92 -13.72 18.67
CA GLU B 216 3.34 -14.33 19.91
C GLU B 216 3.72 -13.23 20.90
N TYR B 217 4.18 -12.11 20.37
CA TYR B 217 4.51 -10.97 21.20
C TYR B 217 3.24 -10.47 21.89
N GLN B 218 2.13 -10.51 21.18
CA GLN B 218 0.86 -10.04 21.72
C GLN B 218 0.24 -10.94 22.78
N GLN B 219 0.53 -12.24 22.71
CA GLN B 219 -0.04 -13.16 23.69
C GLN B 219 0.81 -13.13 24.95
N PHE B 220 2.05 -12.72 24.77
CA PHE B 220 3.03 -12.59 25.83
C PHE B 220 2.72 -11.38 26.71
N VAL B 221 2.59 -10.22 26.08
CA VAL B 221 2.29 -8.99 26.77
C VAL B 221 0.97 -9.09 27.52
N ALA B 222 -0.01 -9.74 26.90
CA ALA B 222 -1.29 -9.90 27.56
C ALA B 222 -1.01 -10.62 28.87
N ASN B 223 -0.22 -11.68 28.79
CA ASN B 223 0.16 -12.48 29.94
C ASN B 223 0.86 -11.63 31.00
N VAL B 224 1.87 -10.88 30.57
CA VAL B 224 2.59 -10.01 31.50
C VAL B 224 1.60 -9.09 32.22
N GLU B 225 0.68 -8.54 31.44
CA GLU B 225 -0.29 -7.63 32.01
C GLU B 225 -1.39 -8.37 32.76
N GLU B 226 -1.50 -9.67 32.56
CA GLU B 226 -2.53 -10.41 33.28
C GLU B 226 -2.05 -10.68 34.69
N GLU B 227 -0.73 -10.72 34.85
CA GLU B 227 -0.13 -10.94 36.16
C GLU B 227 -0.01 -9.62 36.91
N GLU B 228 0.38 -8.58 36.18
CA GLU B 228 0.52 -7.25 36.75
C GLU B 228 -0.82 -6.78 37.31
N ALA B 229 -1.90 -7.20 36.67
CA ALA B 229 -3.23 -6.83 37.12
C ALA B 229 -3.43 -7.46 38.50
N TRP B 230 -2.80 -8.60 38.71
CA TRP B 230 -2.92 -9.28 39.99
C TRP B 230 -1.98 -8.68 41.04
N ILE B 231 -0.76 -8.34 40.62
CA ILE B 231 0.20 -7.75 41.53
C ILE B 231 -0.26 -6.36 41.96
N ASN B 232 -1.04 -5.71 41.11
CA ASN B 232 -1.57 -4.37 41.40
C ASN B 232 -2.72 -4.45 42.39
N GLU B 233 -3.52 -5.51 42.29
CA GLU B 233 -4.64 -5.72 43.20
C GLU B 233 -4.04 -5.88 44.61
N LYS B 234 -3.07 -6.78 44.74
CA LYS B 234 -2.42 -7.04 46.01
C LYS B 234 -1.60 -5.86 46.54
N MET B 235 -0.92 -5.16 45.66
CA MET B 235 -0.12 -4.01 46.04
C MET B 235 -0.86 -3.11 47.04
N THR B 236 -2.14 -2.84 46.73
CA THR B 236 -2.96 -1.98 47.56
C THR B 236 -3.48 -2.66 48.82
N LEU B 237 -4.00 -3.88 48.68
CA LEU B 237 -4.55 -4.62 49.81
C LEU B 237 -3.50 -4.89 50.89
N VAL B 238 -2.23 -4.76 50.54
CA VAL B 238 -1.15 -4.97 51.49
C VAL B 238 -0.78 -3.62 52.10
N ALA B 239 -1.36 -2.56 51.54
CA ALA B 239 -1.12 -1.21 52.02
C ALA B 239 -2.28 -0.79 52.93
N SER B 240 -3.16 -1.75 53.23
CA SER B 240 -4.32 -1.50 54.08
C SER B 240 -3.89 -1.10 55.48
N GLU B 241 -4.20 0.15 55.86
CA GLU B 241 -3.87 0.64 57.18
C GLU B 241 -4.81 0.07 58.25
N ASP B 242 -4.94 -1.24 58.27
CA ASP B 242 -5.77 -1.93 59.26
C ASP B 242 -4.94 -3.08 59.77
N TYR B 243 -4.78 -3.15 61.09
CA TYR B 243 -3.96 -4.18 61.70
C TYR B 243 -4.70 -4.95 62.79
N GLY B 244 -5.91 -4.52 63.11
CA GLY B 244 -6.68 -5.21 64.11
C GLY B 244 -6.96 -4.39 65.36
N ASP B 245 -8.24 -4.27 65.67
CA ASP B 245 -8.71 -3.54 66.84
C ASP B 245 -8.90 -4.47 68.04
N THR B 246 -8.88 -5.78 67.81
CA THR B 246 -9.02 -6.76 68.88
C THR B 246 -8.25 -8.01 68.51
N LEU B 247 -7.99 -8.84 69.52
CA LEU B 247 -7.24 -10.08 69.33
C LEU B 247 -7.78 -10.94 68.18
N ALA B 248 -9.10 -11.04 68.09
CA ALA B 248 -9.72 -11.83 67.03
C ALA B 248 -9.41 -11.30 65.63
N ALA B 249 -9.48 -9.98 65.47
CA ALA B 249 -9.24 -9.36 64.18
C ALA B 249 -7.80 -9.49 63.69
N ILE B 250 -6.86 -9.60 64.62
CA ILE B 250 -5.46 -9.74 64.25
C ILE B 250 -5.21 -11.19 63.85
N GLN B 251 -5.94 -12.10 64.46
CA GLN B 251 -5.76 -13.50 64.12
C GLN B 251 -6.38 -13.67 62.74
N GLY B 252 -7.38 -12.84 62.45
CA GLY B 252 -8.04 -12.91 61.17
C GLY B 252 -7.15 -12.29 60.11
N LEU B 253 -6.52 -11.18 60.45
CA LEU B 253 -5.64 -10.51 59.52
C LEU B 253 -4.45 -11.39 59.20
N LEU B 254 -4.08 -12.25 60.16
CA LEU B 254 -2.97 -13.17 59.98
C LEU B 254 -3.41 -14.31 59.06
N LYS B 255 -4.48 -15.00 59.44
CA LYS B 255 -4.99 -16.09 58.63
C LYS B 255 -5.08 -15.64 57.19
N LYS B 256 -5.60 -14.44 56.98
CA LYS B 256 -5.74 -13.92 55.63
C LYS B 256 -4.41 -13.68 54.99
N HIS B 257 -3.51 -13.02 55.70
CA HIS B 257 -2.21 -12.76 55.11
C HIS B 257 -1.53 -14.07 54.74
N GLU B 258 -1.88 -15.15 55.44
CA GLU B 258 -1.28 -16.44 55.12
C GLU B 258 -1.91 -16.95 53.83
N ALA B 259 -3.15 -16.56 53.59
CA ALA B 259 -3.86 -16.95 52.37
C ALA B 259 -3.18 -16.25 51.21
N PHE B 260 -2.92 -14.95 51.39
CA PHE B 260 -2.27 -14.17 50.36
C PHE B 260 -0.96 -14.82 49.97
N GLU B 261 -0.23 -15.33 50.97
CA GLU B 261 1.06 -15.95 50.72
C GLU B 261 0.89 -17.10 49.76
N THR B 262 0.06 -18.05 50.17
CA THR B 262 -0.23 -19.21 49.34
C THR B 262 -0.52 -18.76 47.92
N ASP B 263 -1.42 -17.78 47.77
CA ASP B 263 -1.77 -17.29 46.45
C ASP B 263 -0.56 -16.72 45.73
N PHE B 264 0.18 -15.84 46.40
CA PHE B 264 1.33 -15.23 45.78
C PHE B 264 2.23 -16.30 45.19
N THR B 265 2.50 -17.35 45.95
CA THR B 265 3.37 -18.43 45.47
C THR B 265 2.96 -18.91 44.09
N VAL B 266 1.69 -19.29 43.94
CA VAL B 266 1.23 -19.76 42.65
C VAL B 266 1.46 -18.68 41.59
N HIS B 267 1.03 -17.45 41.88
CA HIS B 267 1.20 -16.35 40.92
C HIS B 267 2.64 -16.05 40.57
N LYS B 268 3.56 -16.26 41.50
CA LYS B 268 4.95 -16.00 41.17
C LYS B 268 5.42 -17.16 40.31
N ASP B 269 4.69 -18.28 40.39
CA ASP B 269 5.03 -19.41 39.54
C ASP B 269 4.68 -18.95 38.13
N ARG B 270 3.42 -18.58 37.94
CA ARG B 270 2.91 -18.10 36.66
C ARG B 270 3.80 -17.01 36.07
N VAL B 271 4.27 -16.10 36.91
CA VAL B 271 5.14 -15.06 36.42
C VAL B 271 6.39 -15.68 35.83
N ASN B 272 6.87 -16.75 36.45
CA ASN B 272 8.06 -17.44 35.94
C ASN B 272 7.75 -18.04 34.56
N ASP B 273 6.59 -18.67 34.44
CA ASP B 273 6.16 -19.25 33.18
C ASP B 273 6.12 -18.15 32.12
N VAL B 274 5.33 -17.11 32.39
CA VAL B 274 5.22 -15.99 31.46
C VAL B 274 6.61 -15.55 31.01
N CYS B 275 7.50 -15.38 31.97
CA CYS B 275 8.87 -14.96 31.67
C CYS B 275 9.56 -16.03 30.83
N ALA B 276 9.16 -17.28 31.04
CA ALA B 276 9.71 -18.40 30.30
C ALA B 276 9.27 -18.23 28.85
N ASN B 277 7.96 -18.07 28.65
CA ASN B 277 7.40 -17.87 27.32
C ASN B 277 8.10 -16.64 26.76
N GLY B 278 8.61 -15.81 27.66
CA GLY B 278 9.33 -14.63 27.26
C GLY B 278 10.71 -15.05 26.79
N GLU B 279 11.30 -16.01 27.50
CA GLU B 279 12.61 -16.54 27.17
C GLU B 279 12.74 -16.92 25.69
N ASP B 280 11.97 -17.93 25.27
CA ASP B 280 12.00 -18.38 23.89
C ASP B 280 12.09 -17.18 22.94
N LEU B 281 11.00 -16.43 22.86
CA LEU B 281 10.92 -15.26 22.00
C LEU B 281 12.24 -14.49 21.99
N ILE B 282 12.84 -14.35 23.17
CA ILE B 282 14.09 -13.64 23.32
C ILE B 282 15.19 -14.18 22.41
N LYS B 283 15.46 -15.49 22.51
CA LYS B 283 16.52 -16.09 21.71
C LYS B 283 16.37 -15.77 20.21
N LYS B 284 15.25 -16.17 19.62
CA LYS B 284 14.99 -15.92 18.22
C LYS B 284 15.08 -14.41 17.92
N ASN B 285 14.65 -14.01 16.74
CA ASN B 285 14.70 -12.60 16.36
C ASN B 285 13.32 -11.95 16.43
N ASN B 286 12.68 -12.01 17.58
CA ASN B 286 11.38 -11.38 17.69
C ASN B 286 11.60 -9.87 17.59
N HIS B 287 11.35 -9.31 16.41
CA HIS B 287 11.58 -7.88 16.19
C HIS B 287 11.09 -7.00 17.33
N HIS B 288 10.11 -7.50 18.08
CA HIS B 288 9.60 -6.76 19.22
C HIS B 288 10.56 -7.07 20.37
N VAL B 289 11.78 -6.57 20.26
CA VAL B 289 12.81 -6.77 21.26
C VAL B 289 12.99 -5.58 22.17
N GLU B 290 12.99 -4.38 21.59
CA GLU B 290 13.15 -3.15 22.36
C GLU B 290 12.20 -3.16 23.57
N ASN B 291 11.14 -3.93 23.47
CA ASN B 291 10.15 -4.02 24.54
C ASN B 291 10.14 -5.37 25.27
N ILE B 292 10.02 -6.44 24.50
CA ILE B 292 9.96 -7.80 25.05
C ILE B 292 10.88 -8.08 26.24
N THR B 293 11.97 -7.31 26.36
CA THR B 293 12.89 -7.50 27.48
C THR B 293 12.51 -6.56 28.61
N ALA B 294 12.08 -5.35 28.26
CA ALA B 294 11.68 -4.36 29.25
C ALA B 294 10.45 -4.85 30.00
N LYS B 295 9.73 -5.81 29.41
CA LYS B 295 8.54 -6.37 30.03
C LYS B 295 8.94 -7.29 31.17
N MET B 296 10.00 -8.07 30.95
CA MET B 296 10.51 -8.99 31.95
C MET B 296 11.13 -8.14 33.07
N LYS B 297 11.66 -6.99 32.68
CA LYS B 297 12.26 -6.04 33.60
C LYS B 297 11.20 -5.67 34.63
N GLY B 298 10.34 -4.74 34.23
CA GLY B 298 9.28 -4.28 35.11
C GLY B 298 8.57 -5.36 35.89
N LEU B 299 8.00 -6.34 35.17
CA LEU B 299 7.27 -7.42 35.81
C LEU B 299 7.98 -7.99 37.04
N LYS B 300 9.20 -8.51 36.85
CA LYS B 300 9.96 -9.08 37.96
C LYS B 300 10.23 -8.08 39.09
N GLY B 301 10.16 -6.80 38.74
CA GLY B 301 10.38 -5.76 39.73
C GLY B 301 9.11 -5.56 40.53
N LYS B 302 8.00 -5.29 39.83
CA LYS B 302 6.72 -5.09 40.47
C LYS B 302 6.43 -6.23 41.44
N VAL B 303 7.11 -7.36 41.24
CA VAL B 303 6.96 -8.52 42.11
C VAL B 303 7.81 -8.26 43.35
N SER B 304 8.99 -7.69 43.12
CA SER B 304 9.91 -7.35 44.19
C SER B 304 9.13 -6.44 45.15
N ASP B 305 8.53 -5.39 44.61
CA ASP B 305 7.75 -4.46 45.42
C ASP B 305 6.64 -5.16 46.18
N LEU B 306 6.05 -6.19 45.58
CA LEU B 306 4.97 -6.88 46.27
C LEU B 306 5.48 -7.76 47.40
N GLU B 307 6.69 -8.29 47.25
CA GLU B 307 7.27 -9.15 48.28
C GLU B 307 7.84 -8.29 49.41
N LYS B 308 8.35 -7.14 49.03
CA LYS B 308 8.94 -6.22 49.98
C LYS B 308 7.86 -5.65 50.90
N ALA B 309 6.81 -5.12 50.28
CA ALA B 309 5.69 -4.54 51.03
C ALA B 309 4.83 -5.59 51.74
N ALA B 310 4.97 -6.86 51.35
CA ALA B 310 4.19 -7.91 51.98
C ALA B 310 4.91 -8.48 53.20
N ALA B 311 6.21 -8.73 53.07
CA ALA B 311 7.03 -9.27 54.14
C ALA B 311 7.07 -8.30 55.31
N GLN B 312 6.91 -7.01 55.01
CA GLN B 312 6.92 -5.99 56.03
C GLN B 312 5.52 -5.86 56.61
N ARG B 313 4.52 -6.11 55.79
CA ARG B 313 3.14 -6.03 56.25
C ARG B 313 2.96 -7.12 57.30
N LYS B 314 3.57 -8.28 57.05
CA LYS B 314 3.48 -9.39 57.98
C LYS B 314 4.27 -9.10 59.23
N ALA B 315 5.33 -8.30 59.07
CA ALA B 315 6.16 -7.94 60.20
C ALA B 315 5.34 -7.13 61.20
N LYS B 316 4.50 -6.23 60.70
CA LYS B 316 3.67 -5.40 61.58
C LYS B 316 2.64 -6.20 62.36
N LEU B 317 2.09 -7.25 61.75
CA LEU B 317 1.11 -8.07 62.43
C LEU B 317 1.73 -8.76 63.63
N ASP B 318 2.87 -9.43 63.43
CA ASP B 318 3.57 -10.13 64.51
C ASP B 318 3.91 -9.17 65.65
N GLU B 319 4.25 -7.93 65.28
CA GLU B 319 4.62 -6.89 66.24
C GLU B 319 3.41 -6.10 66.74
N ASN B 320 2.26 -6.37 66.14
CA ASN B 320 1.03 -5.70 66.54
C ASN B 320 0.00 -6.78 66.89
N SER B 321 0.49 -7.97 67.26
CA SER B 321 -0.37 -9.09 67.63
C SER B 321 -0.10 -9.58 69.05
#